data_5YE7
#
_entry.id   5YE7
#
_cell.length_a   115.830
_cell.length_b   83.426
_cell.length_c   96.760
_cell.angle_alpha   90.000
_cell.angle_beta   114.950
_cell.angle_gamma   90.000
#
_symmetry.space_group_name_H-M   'C 1 2 1'
#
loop_
_entity.id
_entity.type
_entity.pdbx_description
1 polymer 'Platelet-activating factor acetylhydrolase'
2 non-polymer N-[4-[(4-naphthalen-2-yloxyphenyl)sulfamoyl]phenyl]ethanamide
3 non-polymer 'SULFATE ION'
4 water water
#
_entity_poly.entity_id   1
_entity_poly.type   'polypeptide(L)'
_entity_poly.pdbx_seq_one_letter_code
;GPLGSAAASFGQTKIPRGNGPYSVGCTDLMFDHTNKGTFLRLYYPSQDNDRLDTLWIPNKEYFWGLSKFLGTHWLMGNIL
RLLFGSMTTPANWNSPLRPGEKYPLVVFSHGLGAFRTLYSAIGIDLASHGFIVAAVEHRDRSASATYYFKDQSAAEIGDK
SWLYLRTLKQEEETHIRNEQVRQRAKECSQALSLILDIDHGKPVKNALDLKFDMEQLKDSIDREKIAVIGHSFGGATVIQ
TLSEDQRFRCGIALDAWMFPLGDEVYSRIPQPLFFINSEYFQYPANIIKMKKCYSPDKERKMITIRGSVHQNFADFTFAT
GKIIGHMLKLKGDIDSNVAIDLSNKASLAFLQKHLGLHKDFDQWDCLIEGDDENLIPGTNINTTNQHI
;
_entity_poly.pdbx_strand_id   B,A
#
# COMPACT_ATOMS: atom_id res chain seq x y z
N LYS A 14 -26.54 -24.63 12.00
CA LYS A 14 -26.04 -24.42 13.35
C LYS A 14 -24.86 -23.44 13.40
N ILE A 15 -24.38 -23.02 12.24
CA ILE A 15 -23.42 -21.92 12.19
C ILE A 15 -24.18 -20.65 12.56
N PRO A 16 -23.75 -19.93 13.58
CA PRO A 16 -24.58 -18.85 14.14
C PRO A 16 -24.68 -17.64 13.21
N ARG A 17 -25.85 -17.01 13.23
CA ARG A 17 -26.06 -15.77 12.50
C ARG A 17 -25.24 -14.64 13.10
N GLY A 18 -24.97 -13.62 12.30
CA GLY A 18 -24.27 -12.46 12.81
C GLY A 18 -25.14 -11.71 13.81
N ASN A 19 -24.51 -11.19 14.86
CA ASN A 19 -25.25 -10.47 15.89
C ASN A 19 -25.46 -9.00 15.56
N GLY A 20 -24.79 -8.47 14.55
CA GLY A 20 -24.90 -7.06 14.22
C GLY A 20 -26.18 -6.75 13.50
N PRO A 21 -26.44 -5.45 13.29
CA PRO A 21 -27.70 -5.00 12.68
C PRO A 21 -27.74 -4.97 11.15
N TYR A 22 -26.68 -5.40 10.47
CA TYR A 22 -26.69 -5.43 9.01
C TYR A 22 -27.07 -6.82 8.54
N SER A 23 -27.79 -6.91 7.43
CA SER A 23 -27.89 -8.23 6.84
C SER A 23 -26.60 -8.56 6.09
N VAL A 24 -26.35 -9.84 5.91
CA VAL A 24 -25.06 -10.31 5.43
C VAL A 24 -25.26 -10.99 4.09
N GLY A 25 -24.46 -10.57 3.11
CA GLY A 25 -24.38 -11.21 1.82
C GLY A 25 -23.05 -11.92 1.71
N CYS A 26 -22.97 -12.80 0.73
CA CYS A 26 -21.73 -13.53 0.50
C CYS A 26 -21.58 -13.86 -0.98
N THR A 27 -20.35 -13.73 -1.50
CA THR A 27 -20.05 -14.10 -2.88
C THR A 27 -18.58 -14.54 -2.96
N ASP A 28 -18.16 -15.03 -4.13
CA ASP A 28 -16.79 -15.46 -4.37
C ASP A 28 -16.19 -14.67 -5.52
N LEU A 29 -14.91 -14.33 -5.40
CA LEU A 29 -14.19 -13.57 -6.42
C LEU A 29 -12.87 -14.27 -6.70
N MET A 30 -12.59 -14.54 -7.98
CA MET A 30 -11.27 -15.03 -8.39
C MET A 30 -10.76 -14.16 -9.52
N PHE A 31 -9.58 -13.57 -9.34
CA PHE A 31 -8.97 -12.74 -10.36
C PHE A 31 -7.52 -12.50 -9.99
N ASP A 32 -6.60 -12.74 -10.95
CA ASP A 32 -6.96 -13.33 -12.23
C ASP A 32 -7.21 -14.85 -12.11
N HIS A 33 -7.40 -15.54 -13.23
CA HIS A 33 -7.86 -16.92 -13.18
C HIS A 33 -6.75 -17.92 -12.83
N THR A 34 -5.50 -17.47 -12.77
CA THR A 34 -4.37 -18.38 -12.71
C THR A 34 -4.01 -18.75 -11.27
N ASN A 35 -3.10 -19.72 -11.14
CA ASN A 35 -2.58 -20.13 -9.84
C ASN A 35 -1.95 -18.98 -9.05
N LYS A 36 -1.55 -17.90 -9.71
CA LYS A 36 -0.97 -16.76 -9.03
C LYS A 36 -1.95 -15.60 -8.86
N GLY A 37 -3.21 -15.74 -9.31
CA GLY A 37 -4.25 -14.77 -9.03
C GLY A 37 -4.80 -14.89 -7.61
N THR A 38 -5.80 -14.07 -7.32
CA THR A 38 -6.42 -14.01 -6.00
C THR A 38 -7.72 -14.81 -5.98
N PHE A 39 -7.95 -15.55 -4.91
CA PHE A 39 -9.19 -16.27 -4.70
C PHE A 39 -9.67 -15.94 -3.30
N LEU A 40 -10.85 -15.32 -3.18
CA LEU A 40 -11.37 -15.00 -1.88
C LEU A 40 -12.89 -15.18 -1.86
N ARG A 41 -13.40 -15.50 -0.67
CA ARG A 41 -14.82 -15.40 -0.39
C ARG A 41 -15.07 -14.09 0.33
N LEU A 42 -16.13 -13.40 -0.08
CA LEU A 42 -16.46 -12.07 0.42
C LEU A 42 -17.74 -12.14 1.26
N TYR A 43 -17.68 -11.61 2.48
CA TYR A 43 -18.86 -11.34 3.29
C TYR A 43 -19.01 -9.82 3.45
N TYR A 44 -20.25 -9.35 3.38
CA TYR A 44 -20.49 -7.92 3.21
C TYR A 44 -21.91 -7.61 3.65
N PRO A 45 -22.19 -6.36 4.02
CA PRO A 45 -23.56 -5.97 4.36
C PRO A 45 -24.42 -5.90 3.11
N SER A 46 -25.55 -6.61 3.11
CA SER A 46 -26.42 -6.67 1.94
C SER A 46 -27.63 -5.72 2.08
N GLN A 47 -28.12 -5.25 0.93
CA GLN A 47 -29.29 -4.37 0.95
C GLN A 47 -30.53 -5.14 1.39
N ASP A 48 -30.65 -6.41 1.01
CA ASP A 48 -31.83 -7.21 1.31
C ASP A 48 -31.45 -8.49 2.03
N ASN A 49 -32.38 -8.99 2.84
CA ASN A 49 -32.17 -10.18 3.67
C ASN A 49 -33.13 -11.30 3.27
N ASP A 50 -33.06 -11.74 2.01
CA ASP A 50 -34.13 -12.55 1.46
C ASP A 50 -34.02 -14.04 1.84
N ARG A 51 -32.81 -14.55 2.08
CA ARG A 51 -32.61 -16.00 2.09
C ARG A 51 -31.24 -16.35 2.68
N LEU A 52 -31.17 -17.28 3.62
CA LEU A 52 -29.88 -17.69 4.20
C LEU A 52 -29.43 -18.99 3.54
N ASP A 53 -28.86 -18.87 2.34
CA ASP A 53 -28.72 -20.01 1.45
C ASP A 53 -27.29 -20.29 0.96
N THR A 54 -26.27 -19.65 1.52
CA THR A 54 -24.91 -19.84 0.99
C THR A 54 -24.45 -21.27 1.28
N LEU A 55 -23.94 -21.95 0.25
CA LEU A 55 -23.40 -23.28 0.47
C LEU A 55 -22.09 -23.19 1.26
N TRP A 56 -22.02 -23.95 2.37
CA TRP A 56 -20.86 -23.84 3.27
C TRP A 56 -19.59 -24.39 2.63
N ILE A 57 -19.65 -25.59 2.07
CA ILE A 57 -18.51 -26.20 1.41
C ILE A 57 -18.93 -26.56 0.00
N PRO A 58 -18.58 -25.73 -0.99
CA PRO A 58 -19.34 -25.71 -2.24
C PRO A 58 -18.93 -26.75 -3.28
N ASN A 59 -17.83 -27.49 -3.09
CA ASN A 59 -17.37 -28.46 -4.09
C ASN A 59 -16.90 -29.74 -3.42
N LYS A 60 -17.04 -30.87 -4.13
CA LYS A 60 -16.70 -32.16 -3.54
C LYS A 60 -15.21 -32.27 -3.24
N GLU A 61 -14.37 -31.53 -3.96
CA GLU A 61 -12.93 -31.69 -3.80
C GLU A 61 -12.41 -31.14 -2.47
N TYR A 62 -13.14 -30.23 -1.82
CA TYR A 62 -12.74 -29.81 -0.48
C TYR A 62 -12.88 -30.96 0.52
N PHE A 63 -13.91 -31.80 0.36
CA PHE A 63 -14.07 -32.95 1.26
C PHE A 63 -12.96 -33.98 1.04
N TRP A 64 -12.57 -34.21 -0.21
CA TRP A 64 -11.43 -35.11 -0.46
C TRP A 64 -10.14 -34.50 0.05
N GLY A 65 -9.99 -33.18 -0.05
CA GLY A 65 -8.86 -32.52 0.58
C GLY A 65 -8.85 -32.68 2.09
N LEU A 66 -9.98 -32.38 2.73
CA LEU A 66 -10.02 -32.48 4.19
C LEU A 66 -9.67 -33.89 4.63
N SER A 67 -10.23 -34.88 3.94
CA SER A 67 -9.96 -36.28 4.24
C SER A 67 -8.46 -36.58 4.19
N LYS A 68 -7.76 -36.09 3.16
CA LYS A 68 -6.31 -36.30 3.10
C LYS A 68 -5.60 -35.60 4.27
N PHE A 69 -6.08 -34.41 4.63
CA PHE A 69 -5.44 -33.67 5.72
C PHE A 69 -5.60 -34.42 7.04
N LEU A 70 -6.75 -35.04 7.25
CA LEU A 70 -6.99 -35.81 8.46
C LEU A 70 -6.32 -37.18 8.43
N GLY A 71 -5.77 -37.58 7.28
CA GLY A 71 -5.09 -38.86 7.16
C GLY A 71 -6.00 -40.06 7.08
N THR A 72 -7.03 -39.99 6.24
CA THR A 72 -8.02 -41.03 6.14
C THR A 72 -8.13 -41.51 4.68
N HIS A 73 -9.00 -42.50 4.47
CA HIS A 73 -9.15 -43.17 3.18
C HIS A 73 -9.93 -42.29 2.21
N TRP A 74 -10.21 -42.84 1.01
CA TRP A 74 -11.19 -42.20 0.14
C TRP A 74 -12.57 -42.23 0.78
N LEU A 75 -12.83 -43.24 1.63
CA LEU A 75 -14.13 -43.40 2.25
C LEU A 75 -14.51 -42.20 3.11
N MET A 76 -13.57 -41.70 3.91
CA MET A 76 -13.90 -40.58 4.78
C MET A 76 -14.26 -39.33 3.98
N GLY A 77 -13.71 -39.18 2.79
CA GLY A 77 -14.08 -38.03 1.97
C GLY A 77 -15.56 -38.03 1.63
N ASN A 78 -16.10 -39.21 1.31
CA ASN A 78 -17.52 -39.27 0.99
C ASN A 78 -18.40 -39.22 2.23
N ILE A 79 -17.90 -39.63 3.39
CA ILE A 79 -18.69 -39.51 4.61
C ILE A 79 -18.91 -38.05 4.96
N LEU A 80 -17.82 -37.27 5.01
CA LEU A 80 -17.94 -35.82 5.22
C LEU A 80 -18.88 -35.19 4.20
N ARG A 81 -18.73 -35.59 2.92
CA ARG A 81 -19.58 -35.06 1.88
C ARG A 81 -21.06 -35.42 2.12
N LEU A 82 -21.33 -36.67 2.51
CA LEU A 82 -22.70 -37.08 2.82
C LEU A 82 -23.24 -36.32 4.03
N LEU A 83 -22.39 -36.06 5.02
CA LEU A 83 -22.83 -35.37 6.23
C LEU A 83 -22.96 -33.87 6.01
N PHE A 84 -22.08 -33.25 5.22
CA PHE A 84 -22.04 -31.80 5.20
C PHE A 84 -22.13 -31.16 3.82
N GLY A 85 -22.30 -31.94 2.74
CA GLY A 85 -22.26 -31.39 1.41
C GLY A 85 -23.36 -30.40 1.10
N SER A 86 -24.49 -30.44 1.82
CA SER A 86 -25.59 -29.52 1.59
C SER A 86 -25.80 -28.59 2.78
N MET A 87 -24.83 -28.49 3.68
CA MET A 87 -24.94 -27.56 4.80
C MET A 87 -24.79 -26.13 4.30
N THR A 88 -25.70 -25.27 4.72
CA THR A 88 -25.60 -23.86 4.39
C THR A 88 -24.92 -23.12 5.54
N THR A 89 -24.58 -21.86 5.27
CA THR A 89 -24.09 -20.96 6.29
C THR A 89 -24.89 -19.67 6.15
N PRO A 90 -25.19 -18.95 7.25
CA PRO A 90 -26.30 -17.96 7.17
C PRO A 90 -25.94 -16.62 6.54
N ALA A 91 -25.88 -16.62 5.21
CA ALA A 91 -25.61 -15.39 4.47
C ALA A 91 -26.36 -15.44 3.15
N ASN A 92 -26.80 -14.27 2.70
CA ASN A 92 -27.49 -14.14 1.42
C ASN A 92 -26.49 -14.34 0.28
N TRP A 93 -26.57 -15.46 -0.40
CA TRP A 93 -25.69 -15.69 -1.54
C TRP A 93 -25.97 -14.71 -2.68
N ASN A 94 -24.97 -13.88 -3.00
CA ASN A 94 -24.94 -12.98 -4.16
C ASN A 94 -25.88 -11.79 -3.99
N SER A 95 -26.41 -11.61 -2.79
CA SER A 95 -27.27 -10.47 -2.54
C SER A 95 -26.53 -9.17 -2.81
N PRO A 96 -27.23 -8.14 -3.28
CA PRO A 96 -26.55 -6.89 -3.60
C PRO A 96 -25.89 -6.26 -2.37
N LEU A 97 -24.75 -5.64 -2.60
CA LEU A 97 -24.10 -4.87 -1.55
C LEU A 97 -24.97 -3.70 -1.13
N ARG A 98 -25.05 -3.47 0.18
CA ARG A 98 -25.85 -2.37 0.71
C ARG A 98 -25.18 -1.04 0.38
N PRO A 99 -25.87 -0.12 -0.30
CA PRO A 99 -25.21 1.10 -0.77
C PRO A 99 -25.19 2.19 0.29
N GLY A 100 -24.45 3.26 -0.02
CA GLY A 100 -24.48 4.48 0.75
C GLY A 100 -23.42 4.64 1.82
N GLU A 101 -22.50 3.69 1.97
CA GLU A 101 -21.50 3.83 3.02
C GLU A 101 -20.22 3.17 2.58
N LYS A 102 -19.10 3.75 3.02
CA LYS A 102 -17.80 3.10 2.90
C LYS A 102 -17.61 2.21 4.13
N TYR A 103 -17.36 0.94 3.90
CA TYR A 103 -17.18 -0.05 4.95
C TYR A 103 -15.70 -0.34 5.17
N PRO A 104 -15.30 -0.52 6.43
CA PRO A 104 -13.94 -0.99 6.73
C PRO A 104 -13.74 -2.41 6.24
N LEU A 105 -12.48 -2.77 6.05
CA LEU A 105 -12.15 -4.00 5.35
C LEU A 105 -11.23 -4.87 6.18
N VAL A 106 -11.63 -6.13 6.37
CA VAL A 106 -10.81 -7.17 6.98
C VAL A 106 -10.37 -8.15 5.89
N VAL A 107 -9.07 -8.49 5.88
CA VAL A 107 -8.59 -9.62 5.09
C VAL A 107 -8.35 -10.78 6.04
N PHE A 108 -8.91 -11.94 5.73
CA PHE A 108 -8.85 -13.06 6.66
C PHE A 108 -8.03 -14.22 6.07
N SER A 109 -7.05 -14.72 6.84
CA SER A 109 -6.20 -15.83 6.43
C SER A 109 -6.55 -17.11 7.20
N HIS A 110 -6.82 -18.20 6.48
CA HIS A 110 -7.20 -19.47 7.09
C HIS A 110 -5.97 -20.25 7.55
N GLY A 111 -6.20 -21.24 8.42
CA GLY A 111 -5.14 -22.06 8.97
C GLY A 111 -4.77 -23.24 8.08
N LEU A 112 -3.95 -24.12 8.63
CA LEU A 112 -3.46 -25.26 7.86
C LEU A 112 -4.59 -26.28 7.67
N GLY A 113 -4.74 -26.77 6.44
CA GLY A 113 -5.79 -27.72 6.15
C GLY A 113 -7.17 -27.12 5.99
N ALA A 114 -7.32 -25.82 6.18
CA ALA A 114 -8.58 -25.14 5.97
C ALA A 114 -8.65 -24.61 4.53
N PHE A 115 -9.61 -23.74 4.25
CA PHE A 115 -9.78 -23.06 2.97
C PHE A 115 -10.77 -21.93 3.24
N ARG A 116 -11.13 -21.19 2.19
CA ARG A 116 -11.72 -19.86 2.36
C ARG A 116 -13.09 -19.87 3.04
N THR A 117 -13.78 -21.01 3.12
CA THR A 117 -15.18 -21.01 3.54
C THR A 117 -15.35 -21.46 4.98
N LEU A 118 -14.28 -21.87 5.66
CA LEU A 118 -14.40 -22.54 6.96
C LEU A 118 -14.37 -21.58 8.16
N TYR A 119 -14.37 -20.28 7.94
CA TYR A 119 -14.39 -19.32 9.05
C TYR A 119 -15.55 -18.35 8.89
N SER A 120 -16.71 -18.85 8.43
CA SER A 120 -17.83 -17.97 8.13
C SER A 120 -18.49 -17.44 9.40
N ALA A 121 -18.40 -18.17 10.52
CA ALA A 121 -18.91 -17.66 11.78
C ALA A 121 -18.28 -16.32 12.11
N ILE A 122 -16.98 -16.21 11.90
CA ILE A 122 -16.29 -14.95 12.15
C ILE A 122 -16.65 -13.94 11.08
N GLY A 123 -16.59 -14.34 9.81
CA GLY A 123 -16.80 -13.41 8.73
C GLY A 123 -18.22 -12.88 8.66
N ILE A 124 -19.20 -13.76 8.91
CA ILE A 124 -20.58 -13.32 8.88
C ILE A 124 -20.85 -12.34 10.02
N ASP A 125 -20.30 -12.60 11.21
CA ASP A 125 -20.52 -11.68 12.32
C ASP A 125 -19.89 -10.32 12.06
N LEU A 126 -18.63 -10.29 11.61
CA LEU A 126 -18.02 -9.01 11.27
C LEU A 126 -18.85 -8.25 10.22
N ALA A 127 -19.33 -8.96 9.20
CA ALA A 127 -20.10 -8.29 8.16
C ALA A 127 -21.42 -7.75 8.72
N SER A 128 -22.04 -8.46 9.67
CA SER A 128 -23.27 -7.96 10.25
C SER A 128 -23.04 -6.72 11.09
N HIS A 129 -21.79 -6.37 11.39
CA HIS A 129 -21.45 -5.16 12.10
C HIS A 129 -20.89 -4.07 11.17
N GLY A 130 -21.03 -4.23 9.86
CA GLY A 130 -20.61 -3.21 8.92
C GLY A 130 -19.24 -3.40 8.29
N PHE A 131 -18.66 -4.58 8.38
CA PHE A 131 -17.41 -4.86 7.71
C PHE A 131 -17.69 -5.57 6.39
N ILE A 132 -16.76 -5.40 5.46
CA ILE A 132 -16.59 -6.31 4.34
C ILE A 132 -15.39 -7.19 4.67
N VAL A 133 -15.54 -8.51 4.53
CA VAL A 133 -14.51 -9.47 4.88
C VAL A 133 -14.10 -10.20 3.62
N ALA A 134 -12.82 -10.17 3.30
CA ALA A 134 -12.25 -10.93 2.20
C ALA A 134 -11.49 -12.10 2.81
N ALA A 135 -12.08 -13.28 2.76
CA ALA A 135 -11.41 -14.49 3.21
C ALA A 135 -10.68 -15.09 2.01
N VAL A 136 -9.33 -15.09 2.05
CA VAL A 136 -8.55 -15.54 0.90
C VAL A 136 -8.40 -17.06 0.93
N GLU A 137 -8.31 -17.67 -0.25
CA GLU A 137 -7.88 -19.06 -0.34
C GLU A 137 -6.41 -19.10 -0.71
N HIS A 138 -5.60 -19.75 0.11
CA HIS A 138 -4.17 -19.76 -0.13
C HIS A 138 -3.81 -20.82 -1.15
N ARG A 139 -2.89 -20.46 -2.05
CA ARG A 139 -2.39 -21.36 -3.06
C ARG A 139 -0.97 -21.84 -2.74
N ASP A 140 -0.61 -21.84 -1.46
CA ASP A 140 0.72 -22.28 -1.02
C ASP A 140 0.76 -23.77 -0.68
N ARG A 141 -0.27 -24.52 -1.09
CA ARG A 141 -0.45 -25.94 -0.75
C ARG A 141 -0.62 -26.16 0.77
N SER A 142 -1.06 -25.12 1.50
CA SER A 142 -1.45 -25.26 2.89
C SER A 142 -2.94 -25.42 3.05
N ALA A 143 -3.73 -25.06 2.04
CA ALA A 143 -5.15 -25.37 2.05
C ALA A 143 -5.35 -26.83 1.74
N SER A 144 -6.33 -27.46 2.39
CA SER A 144 -6.66 -28.84 2.08
C SER A 144 -6.84 -29.01 0.57
N ALA A 145 -7.59 -28.10 -0.04
CA ALA A 145 -7.80 -28.07 -1.47
C ALA A 145 -8.05 -26.63 -1.88
N THR A 146 -7.65 -26.30 -3.09
CA THR A 146 -8.07 -25.06 -3.72
C THR A 146 -8.04 -25.31 -5.22
N TYR A 147 -8.51 -24.34 -6.00
CA TYR A 147 -8.44 -24.49 -7.44
C TYR A 147 -8.12 -23.17 -8.11
N TYR A 148 -7.75 -23.30 -9.40
CA TYR A 148 -7.45 -22.21 -10.33
C TYR A 148 -7.78 -22.74 -11.73
N PHE A 149 -7.52 -21.91 -12.75
CA PHE A 149 -7.80 -22.30 -14.12
C PHE A 149 -6.56 -22.10 -14.99
N LYS A 150 -6.29 -23.08 -15.85
CA LYS A 150 -5.04 -23.02 -16.63
C LYS A 150 -5.10 -21.96 -17.71
N ASP A 151 -6.29 -21.62 -18.21
CA ASP A 151 -6.45 -20.50 -19.12
C ASP A 151 -7.84 -19.91 -18.96
N GLN A 152 -8.08 -18.80 -19.67
CA GLN A 152 -9.37 -18.13 -19.63
C GLN A 152 -10.48 -19.03 -20.17
N SER A 153 -10.16 -19.97 -21.06
CA SER A 153 -11.20 -20.85 -21.59
C SER A 153 -11.59 -21.93 -20.59
N ALA A 154 -10.63 -22.47 -19.84
CA ALA A 154 -11.00 -23.38 -18.76
C ALA A 154 -11.91 -22.69 -17.76
N ALA A 155 -11.74 -21.38 -17.58
CA ALA A 155 -12.57 -20.63 -16.65
C ALA A 155 -13.97 -20.40 -17.21
N GLU A 156 -14.11 -20.15 -18.52
CA GLU A 156 -15.45 -20.00 -19.07
C GLU A 156 -16.24 -21.31 -19.00
N ILE A 157 -15.56 -22.45 -19.01
CA ILE A 157 -16.21 -23.76 -18.94
C ILE A 157 -16.36 -24.25 -17.51
N GLY A 158 -15.71 -23.62 -16.56
CA GLY A 158 -15.66 -24.13 -15.20
C GLY A 158 -14.82 -25.38 -15.04
N ASP A 159 -13.73 -25.49 -15.81
CA ASP A 159 -12.87 -26.69 -15.86
C ASP A 159 -11.66 -26.45 -14.94
N LYS A 160 -11.82 -26.88 -13.68
CA LYS A 160 -10.93 -26.50 -12.60
C LYS A 160 -9.71 -27.42 -12.51
N SER A 161 -8.57 -26.83 -12.18
CA SER A 161 -7.37 -27.57 -11.81
C SER A 161 -7.20 -27.48 -10.29
N TRP A 162 -7.30 -28.62 -9.62
CA TRP A 162 -7.28 -28.63 -8.16
C TRP A 162 -5.86 -28.82 -7.64
N LEU A 163 -5.56 -28.10 -6.54
CA LEU A 163 -4.31 -28.21 -5.80
C LEU A 163 -4.63 -28.69 -4.39
N TYR A 164 -3.94 -29.73 -3.93
CA TYR A 164 -4.23 -30.33 -2.64
C TYR A 164 -3.07 -30.10 -1.69
N LEU A 165 -3.36 -30.25 -0.40
CA LEU A 165 -2.37 -29.98 0.63
C LEU A 165 -1.10 -30.79 0.40
N ARG A 166 0.04 -30.17 0.67
CA ARG A 166 1.34 -30.81 0.56
C ARG A 166 1.76 -31.31 1.93
N THR A 167 1.97 -32.61 2.07
CA THR A 167 2.49 -33.15 3.31
C THR A 167 4.02 -32.99 3.31
N LEU A 168 4.58 -32.68 4.47
CA LEU A 168 6.00 -32.34 4.56
C LEU A 168 6.73 -33.36 5.41
N LYS A 169 8.01 -33.58 5.08
CA LYS A 169 8.92 -34.32 5.93
C LYS A 169 9.52 -33.38 6.98
N GLN A 170 9.93 -33.94 8.11
CA GLN A 170 10.52 -33.12 9.17
C GLN A 170 11.72 -32.33 8.65
N GLU A 171 12.55 -32.96 7.81
CA GLU A 171 13.66 -32.24 7.20
C GLU A 171 13.21 -30.96 6.51
N GLU A 172 11.94 -30.91 6.04
CA GLU A 172 11.45 -29.79 5.24
C GLU A 172 10.75 -28.68 6.05
N GLU A 173 10.22 -28.99 7.24
CA GLU A 173 9.20 -28.14 7.84
C GLU A 173 9.71 -26.72 8.11
N THR A 174 11.00 -26.54 8.33
CA THR A 174 11.45 -25.19 8.67
C THR A 174 11.50 -24.31 7.42
N HIS A 175 12.16 -24.79 6.37
CA HIS A 175 12.31 -24.01 5.14
C HIS A 175 10.96 -23.75 4.48
N ILE A 176 10.08 -24.75 4.43
CA ILE A 176 8.89 -24.67 3.60
C ILE A 176 7.75 -23.94 4.32
N ARG A 177 7.58 -24.18 5.62
CA ARG A 177 6.60 -23.39 6.37
C ARG A 177 6.89 -21.91 6.24
N ASN A 178 8.17 -21.53 6.25
CA ASN A 178 8.48 -20.11 6.16
C ASN A 178 8.34 -19.58 4.74
N GLU A 179 8.60 -20.40 3.74
CA GLU A 179 8.27 -19.99 2.37
C GLU A 179 6.76 -19.86 2.20
N GLN A 180 5.99 -20.70 2.88
CA GLN A 180 4.55 -20.61 2.83
C GLN A 180 4.06 -19.34 3.53
N VAL A 181 4.61 -18.99 4.69
CA VAL A 181 4.07 -17.80 5.33
C VAL A 181 4.42 -16.55 4.51
N ARG A 182 5.56 -16.55 3.83
CA ARG A 182 5.89 -15.43 2.95
C ARG A 182 4.90 -15.33 1.79
N GLN A 183 4.62 -16.45 1.11
CA GLN A 183 3.63 -16.43 0.04
C GLN A 183 2.26 -16.00 0.54
N ARG A 184 1.88 -16.47 1.73
CA ARG A 184 0.59 -16.14 2.32
C ARG A 184 0.46 -14.65 2.56
N ALA A 185 1.52 -14.00 3.03
CA ALA A 185 1.49 -12.55 3.23
C ALA A 185 1.38 -11.81 1.91
N LYS A 186 2.09 -12.29 0.88
CA LYS A 186 1.95 -11.73 -0.46
C LYS A 186 0.52 -11.91 -0.98
N GLU A 187 -0.08 -13.08 -0.71
CA GLU A 187 -1.48 -13.31 -1.11
C GLU A 187 -2.44 -12.42 -0.34
N CYS A 188 -2.16 -12.13 0.93
CA CYS A 188 -2.99 -11.18 1.66
C CYS A 188 -2.83 -9.77 1.10
N SER A 189 -1.59 -9.38 0.77
CA SER A 189 -1.37 -8.06 0.19
C SER A 189 -1.98 -7.97 -1.21
N GLN A 190 -1.92 -9.04 -1.99
CA GLN A 190 -2.47 -9.01 -3.34
C GLN A 190 -3.98 -8.90 -3.32
N ALA A 191 -4.64 -9.60 -2.39
CA ALA A 191 -6.09 -9.52 -2.26
C ALA A 191 -6.53 -8.11 -1.87
N LEU A 192 -5.84 -7.51 -0.91
CA LEU A 192 -6.10 -6.11 -0.58
C LEU A 192 -6.00 -5.22 -1.82
N SER A 193 -4.92 -5.39 -2.59
CA SER A 193 -4.73 -4.60 -3.79
C SER A 193 -5.86 -4.80 -4.78
N LEU A 194 -6.28 -6.04 -4.99
CA LEU A 194 -7.40 -6.31 -5.87
C LEU A 194 -8.64 -5.52 -5.44
N ILE A 195 -8.96 -5.55 -4.15
CA ILE A 195 -10.18 -4.92 -3.69
C ILE A 195 -10.05 -3.40 -3.74
N LEU A 196 -8.91 -2.86 -3.29
CA LEU A 196 -8.68 -1.41 -3.38
C LEU A 196 -8.76 -0.93 -4.83
N ASP A 197 -8.25 -1.73 -5.77
CA ASP A 197 -8.33 -1.35 -7.18
C ASP A 197 -9.75 -1.45 -7.72
N ILE A 198 -10.50 -2.50 -7.39
CA ILE A 198 -11.93 -2.52 -7.71
C ILE A 198 -12.62 -1.32 -7.10
N ASP A 199 -12.26 -0.98 -5.87
CA ASP A 199 -12.87 0.16 -5.19
C ASP A 199 -12.68 1.45 -5.98
N HIS A 200 -11.60 1.55 -6.75
CA HIS A 200 -11.29 2.77 -7.50
C HIS A 200 -11.43 2.59 -9.00
N GLY A 201 -12.24 1.63 -9.44
CA GLY A 201 -12.70 1.58 -10.82
C GLY A 201 -12.02 0.58 -11.72
N LYS A 202 -11.11 -0.24 -11.21
CA LYS A 202 -10.43 -1.18 -12.09
C LYS A 202 -11.43 -2.20 -12.59
N PRO A 203 -11.62 -2.34 -13.90
CA PRO A 203 -12.55 -3.34 -14.41
C PRO A 203 -11.97 -4.74 -14.18
N VAL A 204 -12.80 -5.63 -13.63
CA VAL A 204 -12.40 -7.02 -13.44
C VAL A 204 -13.48 -7.88 -14.04
N LYS A 205 -13.07 -8.99 -14.65
CA LYS A 205 -13.99 -10.05 -15.03
C LYS A 205 -13.71 -11.20 -14.07
N ASN A 206 -14.59 -11.36 -13.08
CA ASN A 206 -14.53 -12.51 -12.19
C ASN A 206 -14.36 -13.80 -13.00
N ALA A 207 -13.38 -14.62 -12.59
CA ALA A 207 -13.19 -15.90 -13.26
C ALA A 207 -14.30 -16.90 -12.93
N LEU A 208 -15.05 -16.68 -11.86
CA LEU A 208 -16.28 -17.42 -11.64
C LEU A 208 -17.46 -16.64 -12.22
N ASP A 209 -18.45 -17.36 -12.74
CA ASP A 209 -19.65 -16.73 -13.31
C ASP A 209 -20.74 -16.73 -12.23
N LEU A 210 -21.01 -15.55 -11.65
CA LEU A 210 -21.91 -15.44 -10.51
C LEU A 210 -22.79 -14.22 -10.65
N LYS A 211 -24.06 -14.34 -10.24
CA LYS A 211 -25.00 -13.23 -10.35
C LYS A 211 -24.72 -12.15 -9.30
N PHE A 212 -23.46 -11.74 -9.16
CA PHE A 212 -23.07 -10.62 -8.29
C PHE A 212 -22.08 -9.81 -9.10
N ASP A 213 -22.44 -8.56 -9.41
CA ASP A 213 -21.60 -7.70 -10.24
C ASP A 213 -20.55 -7.05 -9.37
N MET A 214 -19.28 -7.34 -9.65
CA MET A 214 -18.20 -6.76 -8.87
C MET A 214 -18.14 -5.24 -8.98
N GLU A 215 -18.85 -4.66 -9.95
CA GLU A 215 -18.91 -3.21 -10.07
C GLU A 215 -19.59 -2.57 -8.85
N GLN A 216 -20.47 -3.29 -8.15
CA GLN A 216 -21.06 -2.74 -6.92
C GLN A 216 -20.01 -2.31 -5.92
N LEU A 217 -18.81 -2.84 -6.01
CA LEU A 217 -17.82 -2.53 -4.98
C LEU A 217 -17.10 -1.20 -5.18
N LYS A 218 -17.36 -0.48 -6.29
CA LYS A 218 -16.78 0.84 -6.47
C LYS A 218 -17.18 1.78 -5.34
N ASP A 219 -16.20 2.53 -4.83
CA ASP A 219 -16.45 3.60 -3.87
C ASP A 219 -17.25 3.07 -2.68
N SER A 220 -16.91 1.86 -2.26
CA SER A 220 -17.55 1.22 -1.13
C SER A 220 -16.58 0.84 -0.02
N ILE A 221 -15.29 1.13 -0.15
CA ILE A 221 -14.30 0.79 0.87
C ILE A 221 -13.83 2.06 1.58
N ASP A 222 -13.78 2.00 2.91
CA ASP A 222 -13.10 3.02 3.68
C ASP A 222 -11.63 2.62 3.73
N ARG A 223 -10.80 3.35 2.97
CA ARG A 223 -9.47 2.88 2.62
C ARG A 223 -8.43 3.07 3.72
N GLU A 224 -8.71 3.90 4.72
CA GLU A 224 -7.83 4.04 5.88
C GLU A 224 -8.10 3.02 6.96
N LYS A 225 -9.11 2.18 6.81
CA LYS A 225 -9.62 1.32 7.87
C LYS A 225 -9.50 -0.14 7.43
N ILE A 226 -8.27 -0.67 7.42
CA ILE A 226 -7.97 -2.00 6.91
C ILE A 226 -7.32 -2.80 8.04
N ALA A 227 -7.79 -4.03 8.23
CA ALA A 227 -7.18 -4.93 9.20
C ALA A 227 -6.97 -6.29 8.55
N VAL A 228 -6.04 -7.06 9.11
CA VAL A 228 -5.81 -8.43 8.72
C VAL A 228 -6.00 -9.34 9.94
N ILE A 229 -6.73 -10.42 9.74
CA ILE A 229 -7.11 -11.33 10.80
C ILE A 229 -6.85 -12.73 10.28
N GLY A 230 -6.47 -13.63 11.18
CA GLY A 230 -6.17 -14.98 10.76
C GLY A 230 -6.05 -15.96 11.91
N HIS A 231 -6.29 -17.24 11.63
CA HIS A 231 -6.30 -18.28 12.65
C HIS A 231 -5.16 -19.26 12.40
N SER A 232 -4.40 -19.55 13.47
CA SER A 232 -3.37 -20.60 13.43
C SER A 232 -2.23 -20.24 12.47
N PHE A 233 -2.08 -21.00 11.38
CA PHE A 233 -1.18 -20.57 10.29
C PHE A 233 -1.56 -19.16 9.82
N GLY A 234 -2.85 -18.81 9.85
CA GLY A 234 -3.30 -17.47 9.53
C GLY A 234 -2.92 -16.44 10.58
N GLY A 235 -2.70 -16.87 11.82
CA GLY A 235 -2.17 -15.94 12.82
C GLY A 235 -0.76 -15.50 12.51
N ALA A 236 0.12 -16.45 12.19
CA ALA A 236 1.44 -16.10 11.70
C ALA A 236 1.34 -15.30 10.40
N THR A 237 0.42 -15.65 9.52
CA THR A 237 0.23 -14.83 8.33
C THR A 237 -0.16 -13.39 8.70
N VAL A 238 -0.94 -13.20 9.77
CA VAL A 238 -1.24 -11.83 10.21
C VAL A 238 0.05 -11.07 10.47
N ILE A 239 0.99 -11.71 11.15
CA ILE A 239 2.19 -11.03 11.61
C ILE A 239 3.16 -10.78 10.46
N GLN A 240 3.34 -11.78 9.60
CA GLN A 240 4.13 -11.56 8.39
C GLN A 240 3.53 -10.47 7.53
N THR A 241 2.20 -10.41 7.42
CA THR A 241 1.56 -9.41 6.56
C THR A 241 1.73 -8.00 7.12
N LEU A 242 1.46 -7.83 8.42
CA LEU A 242 1.67 -6.53 9.05
C LEU A 242 3.08 -6.02 8.81
N SER A 243 4.06 -6.91 8.92
CA SER A 243 5.47 -6.56 8.80
C SER A 243 5.81 -6.02 7.43
N GLU A 244 5.10 -6.46 6.39
CA GLU A 244 5.44 -6.12 5.02
C GLU A 244 4.58 -5.01 4.41
N ASP A 245 3.36 -4.82 4.89
CA ASP A 245 2.37 -4.00 4.20
C ASP A 245 1.69 -3.05 5.21
N GLN A 246 2.20 -1.84 5.31
CA GLN A 246 1.63 -0.89 6.25
C GLN A 246 0.26 -0.32 5.77
N ARG A 247 -0.38 -0.83 4.71
CA ARG A 247 -1.80 -0.53 4.48
C ARG A 247 -2.69 -1.23 5.52
N PHE A 248 -2.24 -2.35 6.09
CA PHE A 248 -2.97 -2.95 7.19
C PHE A 248 -2.62 -2.17 8.46
N ARG A 249 -3.63 -1.56 9.08
CA ARG A 249 -3.40 -0.65 10.20
C ARG A 249 -3.46 -1.34 11.56
N CYS A 250 -3.94 -2.58 11.61
CA CYS A 250 -3.87 -3.39 12.83
C CYS A 250 -4.13 -4.83 12.42
N GLY A 251 -3.79 -5.74 13.34
CA GLY A 251 -3.92 -7.17 13.08
C GLY A 251 -4.43 -7.88 14.31
N ILE A 252 -5.10 -9.02 14.08
CA ILE A 252 -5.66 -9.83 15.15
C ILE A 252 -5.32 -11.28 14.84
N ALA A 253 -4.51 -11.89 15.70
CA ALA A 253 -3.98 -13.23 15.48
C ALA A 253 -4.74 -14.19 16.38
N LEU A 254 -5.53 -15.08 15.78
CA LEU A 254 -6.39 -16.00 16.51
C LEU A 254 -5.66 -17.32 16.70
N ASP A 255 -5.22 -17.57 17.93
CA ASP A 255 -4.46 -18.77 18.26
C ASP A 255 -3.32 -19.00 17.27
N ALA A 256 -2.46 -17.99 17.14
CA ALA A 256 -1.40 -18.02 16.14
C ALA A 256 -0.47 -19.21 16.38
N TRP A 257 0.02 -19.75 15.28
CA TRP A 257 1.07 -20.77 15.25
C TRP A 257 2.33 -20.07 14.77
N MET A 258 3.24 -19.77 15.71
CA MET A 258 4.34 -18.86 15.43
C MET A 258 5.53 -19.52 14.73
N PHE A 259 5.58 -20.84 14.69
CA PHE A 259 6.72 -21.54 14.11
C PHE A 259 7.16 -21.04 12.74
N PRO A 260 6.28 -20.75 11.76
CA PRO A 260 6.78 -20.37 10.42
C PRO A 260 7.54 -19.05 10.37
N LEU A 261 7.50 -18.22 11.41
CA LEU A 261 8.00 -16.87 11.28
C LEU A 261 9.51 -16.81 11.48
N GLY A 262 10.20 -16.12 10.58
CA GLY A 262 11.58 -15.80 10.82
C GLY A 262 11.74 -14.76 11.92
N ASP A 263 12.93 -14.72 12.51
CA ASP A 263 13.19 -13.89 13.68
C ASP A 263 13.23 -12.40 13.36
N GLU A 264 13.36 -12.04 12.08
CA GLU A 264 13.44 -10.64 11.70
C GLU A 264 12.10 -9.92 11.79
N VAL A 265 10.98 -10.64 11.77
CA VAL A 265 9.70 -9.92 11.72
C VAL A 265 9.37 -9.23 13.06
N TYR A 266 9.85 -9.76 14.20
CA TYR A 266 9.38 -9.28 15.50
C TYR A 266 9.71 -7.80 15.70
N SER A 267 10.84 -7.33 15.19
CA SER A 267 11.21 -5.94 15.32
C SER A 267 10.64 -5.05 14.22
N ARG A 268 9.76 -5.58 13.36
CA ARG A 268 9.37 -4.86 12.15
C ARG A 268 7.87 -4.62 12.02
N ILE A 269 7.10 -4.75 13.11
CA ILE A 269 5.65 -4.57 13.06
C ILE A 269 5.24 -3.30 13.80
N PRO A 270 5.09 -2.17 13.12
CA PRO A 270 4.60 -0.97 13.83
C PRO A 270 3.13 -1.04 14.25
N GLN A 271 2.29 -1.80 13.55
CA GLN A 271 0.86 -1.72 13.81
C GLN A 271 0.49 -2.40 15.11
N PRO A 272 -0.66 -2.04 15.68
CA PRO A 272 -1.19 -2.76 16.85
C PRO A 272 -1.63 -4.18 16.53
N LEU A 273 -1.43 -5.06 17.51
CA LEU A 273 -1.57 -6.49 17.32
C LEU A 273 -2.24 -7.07 18.56
N PHE A 274 -3.19 -7.97 18.32
CA PHE A 274 -4.07 -8.53 19.34
C PHE A 274 -4.02 -10.04 19.23
N PHE A 275 -3.55 -10.72 20.28
CA PHE A 275 -3.51 -12.17 20.30
C PHE A 275 -4.73 -12.68 21.08
N ILE A 276 -5.58 -13.45 20.43
CA ILE A 276 -6.68 -14.12 21.09
C ILE A 276 -6.40 -15.62 21.04
N ASN A 277 -6.13 -16.21 22.21
CA ASN A 277 -5.68 -17.59 22.28
C ASN A 277 -6.76 -18.50 22.81
N SER A 278 -6.66 -19.78 22.48
CA SER A 278 -7.48 -20.76 23.18
C SER A 278 -6.69 -21.29 24.37
N GLU A 279 -7.41 -21.76 25.39
CA GLU A 279 -6.73 -22.17 26.61
C GLU A 279 -5.93 -23.46 26.38
N TYR A 280 -6.40 -24.35 25.52
CA TYR A 280 -5.91 -25.72 25.45
C TYR A 280 -4.96 -25.97 24.29
N PHE A 281 -4.67 -24.97 23.47
CA PHE A 281 -3.73 -25.14 22.37
C PHE A 281 -2.33 -24.65 22.70
N GLN A 282 -2.18 -23.59 23.49
CA GLN A 282 -0.88 -22.93 23.59
C GLN A 282 0.11 -23.75 24.41
N TYR A 283 1.40 -23.45 24.21
CA TYR A 283 2.52 -24.15 24.82
C TYR A 283 3.72 -23.21 24.79
N PRO A 284 4.67 -23.35 25.71
CA PRO A 284 5.68 -22.29 25.91
C PRO A 284 6.43 -21.88 24.66
N ALA A 285 6.84 -22.82 23.80
CA ALA A 285 7.64 -22.44 22.65
C ALA A 285 6.87 -21.54 21.68
N ASN A 286 5.55 -21.66 21.66
CA ASN A 286 4.74 -20.77 20.84
C ASN A 286 4.57 -19.42 21.51
N ILE A 287 4.27 -19.40 22.81
CA ILE A 287 4.00 -18.19 23.58
C ILE A 287 5.18 -17.23 23.57
N ILE A 288 6.41 -17.73 23.75
CA ILE A 288 7.55 -16.82 23.81
C ILE A 288 7.77 -16.11 22.48
N LYS A 289 7.42 -16.74 21.36
CA LYS A 289 7.47 -16.00 20.09
C LYS A 289 6.43 -14.89 20.07
N MET A 290 5.27 -15.10 20.72
CA MET A 290 4.31 -14.00 20.87
C MET A 290 4.86 -12.90 21.77
N LYS A 291 5.50 -13.26 22.89
CA LYS A 291 6.07 -12.25 23.76
C LYS A 291 7.21 -11.48 23.09
N LYS A 292 7.88 -12.07 22.10
CA LYS A 292 8.91 -11.32 21.39
C LYS A 292 8.34 -10.19 20.56
N CYS A 293 7.03 -10.18 20.30
CA CYS A 293 6.44 -9.04 19.62
C CYS A 293 6.21 -7.84 20.53
N TYR A 294 6.41 -7.99 21.84
CA TYR A 294 6.09 -6.93 22.80
C TYR A 294 7.23 -5.93 22.90
N SER A 295 6.87 -4.65 23.04
CA SER A 295 7.79 -3.53 23.12
C SER A 295 7.01 -2.36 23.69
N PRO A 296 7.61 -1.51 24.53
CA PRO A 296 6.83 -0.42 25.15
C PRO A 296 6.31 0.63 24.17
N ASP A 297 6.94 0.79 23.00
CA ASP A 297 6.48 1.68 21.92
C ASP A 297 5.35 1.13 21.08
N LYS A 298 4.88 -0.11 21.33
CA LYS A 298 3.92 -0.79 20.45
C LYS A 298 2.74 -1.30 21.25
N GLU A 299 1.59 -1.38 20.60
CA GLU A 299 0.38 -1.85 21.24
C GLU A 299 0.19 -3.35 20.93
N ARG A 300 0.28 -4.17 21.98
CA ARG A 300 0.07 -5.61 21.92
C ARG A 300 -0.81 -6.02 23.08
N LYS A 301 -1.87 -6.75 22.78
CA LYS A 301 -2.76 -7.27 23.82
C LYS A 301 -2.87 -8.77 23.62
N MET A 302 -3.24 -9.46 24.70
CA MET A 302 -3.41 -10.90 24.67
C MET A 302 -4.51 -11.29 25.65
N ILE A 303 -5.46 -12.08 25.18
CA ILE A 303 -6.43 -12.73 26.04
C ILE A 303 -6.48 -14.20 25.65
N THR A 304 -6.97 -15.00 26.59
CA THR A 304 -7.12 -16.43 26.39
C THR A 304 -8.56 -16.81 26.72
N ILE A 305 -9.20 -17.57 25.83
CA ILE A 305 -10.58 -17.95 26.07
C ILE A 305 -10.58 -19.24 26.87
N ARG A 306 -11.15 -19.16 28.07
CA ARG A 306 -11.16 -20.28 29.01
C ARG A 306 -11.97 -21.45 28.46
N GLY A 307 -11.39 -22.65 28.57
CA GLY A 307 -12.09 -23.85 28.15
C GLY A 307 -12.16 -24.07 26.66
N SER A 308 -11.46 -23.26 25.87
CA SER A 308 -11.51 -23.35 24.42
C SER A 308 -10.36 -24.18 23.87
N VAL A 309 -10.62 -24.79 22.72
CA VAL A 309 -9.64 -25.56 21.98
C VAL A 309 -9.35 -24.82 20.68
N HIS A 310 -8.28 -25.26 20.01
CA HIS A 310 -7.84 -24.64 18.77
C HIS A 310 -8.98 -24.44 17.78
N GLN A 311 -9.86 -25.43 17.67
CA GLN A 311 -10.92 -25.46 16.66
C GLN A 311 -12.11 -24.59 17.01
N ASN A 312 -12.12 -23.97 18.20
CA ASN A 312 -13.22 -23.08 18.53
C ASN A 312 -13.29 -21.87 17.60
N PHE A 313 -12.26 -21.61 16.81
CA PHE A 313 -12.28 -20.45 15.93
C PHE A 313 -12.78 -20.77 14.52
N ALA A 314 -12.86 -22.03 14.13
CA ALA A 314 -13.32 -22.42 12.80
C ALA A 314 -14.72 -23.02 12.88
N ASP A 315 -15.35 -23.19 11.71
CA ASP A 315 -16.77 -23.51 11.65
C ASP A 315 -17.10 -24.95 12.01
N PHE A 316 -16.13 -25.85 11.99
CA PHE A 316 -16.44 -27.24 12.31
C PHE A 316 -16.76 -27.42 13.78
N THR A 317 -16.49 -26.41 14.60
CA THR A 317 -16.96 -26.42 15.99
C THR A 317 -18.48 -26.34 16.09
N PHE A 318 -19.18 -26.07 14.98
CA PHE A 318 -20.63 -25.95 14.93
C PHE A 318 -21.28 -27.07 14.15
N ALA A 319 -20.51 -28.04 13.66
CA ALA A 319 -21.02 -29.04 12.73
C ALA A 319 -21.43 -30.34 13.40
N THR A 320 -21.10 -30.53 14.67
CA THR A 320 -21.39 -31.78 15.37
C THR A 320 -22.09 -31.47 16.67
N GLY A 321 -22.69 -32.51 17.25
CA GLY A 321 -23.27 -32.40 18.58
C GLY A 321 -22.19 -32.32 19.65
N LYS A 322 -22.63 -32.01 20.86
CA LYS A 322 -21.70 -31.75 21.95
C LYS A 322 -20.76 -32.94 22.16
N ILE A 323 -21.29 -34.16 22.17
CA ILE A 323 -20.48 -35.30 22.58
C ILE A 323 -19.48 -35.66 21.50
N ILE A 324 -19.93 -35.76 20.25
CA ILE A 324 -19.00 -36.08 19.15
C ILE A 324 -17.95 -34.99 19.01
N GLY A 325 -18.32 -33.73 19.24
CA GLY A 325 -17.37 -32.65 19.06
C GLY A 325 -16.25 -32.69 20.07
N HIS A 326 -16.56 -32.96 21.35
CA HIS A 326 -15.50 -33.09 22.34
C HIS A 326 -14.62 -34.30 22.05
N MET A 327 -15.22 -35.43 21.68
CA MET A 327 -14.42 -36.60 21.31
C MET A 327 -13.47 -36.27 20.17
N LEU A 328 -13.85 -35.35 19.29
CA LEU A 328 -13.06 -35.01 18.10
C LEU A 328 -12.19 -33.78 18.30
N LYS A 329 -12.24 -33.16 19.48
CA LYS A 329 -11.55 -31.92 19.77
C LYS A 329 -12.00 -30.79 18.82
N LEU A 330 -13.20 -30.92 18.26
CA LEU A 330 -13.87 -29.83 17.57
C LEU A 330 -14.52 -28.83 18.53
N LYS A 331 -14.85 -29.25 19.76
CA LYS A 331 -15.44 -28.38 20.76
C LYS A 331 -14.61 -28.44 22.04
N GLY A 332 -14.69 -27.37 22.83
CA GLY A 332 -14.06 -27.31 24.12
C GLY A 332 -15.04 -27.54 25.25
N ASP A 333 -14.57 -27.26 26.48
CA ASP A 333 -15.47 -27.23 27.64
C ASP A 333 -16.45 -26.08 27.52
N ILE A 334 -15.99 -24.95 27.02
CA ILE A 334 -16.86 -23.82 26.79
C ILE A 334 -17.79 -24.13 25.63
N ASP A 335 -18.96 -23.50 25.63
CA ASP A 335 -19.90 -23.60 24.54
C ASP A 335 -19.39 -22.86 23.29
N SER A 336 -19.54 -23.48 22.12
CA SER A 336 -18.95 -22.94 20.90
C SER A 336 -19.48 -21.55 20.60
N ASN A 337 -20.78 -21.34 20.82
CA ASN A 337 -21.37 -20.02 20.57
C ASN A 337 -20.82 -18.99 21.54
N VAL A 338 -20.63 -19.38 22.80
CA VAL A 338 -20.11 -18.42 23.78
C VAL A 338 -18.68 -18.01 23.42
N ALA A 339 -17.85 -18.98 23.03
CA ALA A 339 -16.45 -18.69 22.72
C ALA A 339 -16.32 -17.79 21.48
N ILE A 340 -17.05 -18.12 20.41
CA ILE A 340 -16.99 -17.30 19.19
C ILE A 340 -17.55 -15.90 19.43
N ASP A 341 -18.52 -15.76 20.33
CA ASP A 341 -19.02 -14.42 20.66
C ASP A 341 -17.95 -13.60 21.38
N LEU A 342 -17.19 -14.22 22.29
CA LEU A 342 -16.13 -13.50 22.99
C LEU A 342 -15.02 -13.09 22.03
N SER A 343 -14.62 -14.00 21.14
CA SER A 343 -13.62 -13.64 20.12
C SER A 343 -14.10 -12.48 19.25
N ASN A 344 -15.34 -12.56 18.75
CA ASN A 344 -15.86 -11.56 17.81
C ASN A 344 -16.03 -10.21 18.49
N LYS A 345 -16.67 -10.22 19.67
CA LYS A 345 -16.90 -8.98 20.39
C LYS A 345 -15.60 -8.30 20.75
N ALA A 346 -14.64 -9.05 21.29
CA ALA A 346 -13.34 -8.47 21.60
C ALA A 346 -12.63 -7.99 20.34
N SER A 347 -12.78 -8.71 19.23
CA SER A 347 -12.19 -8.25 17.97
C SER A 347 -12.77 -6.91 17.57
N LEU A 348 -14.10 -6.78 17.67
CA LEU A 348 -14.77 -5.53 17.29
C LEU A 348 -14.27 -4.37 18.13
N ALA A 349 -14.10 -4.57 19.44
CA ALA A 349 -13.54 -3.50 20.28
C ALA A 349 -12.13 -3.14 19.84
N PHE A 350 -11.31 -4.15 19.53
CA PHE A 350 -9.95 -3.85 19.09
C PHE A 350 -9.95 -3.09 17.76
N LEU A 351 -10.74 -3.58 16.79
CA LEU A 351 -10.87 -2.90 15.51
C LEU A 351 -11.36 -1.46 15.67
N GLN A 352 -12.35 -1.23 16.55
CA GLN A 352 -12.82 0.14 16.75
C GLN A 352 -11.73 1.03 17.31
N LYS A 353 -11.00 0.52 18.30
CA LYS A 353 -9.98 1.31 18.96
C LYS A 353 -8.84 1.66 18.01
N HIS A 354 -8.43 0.75 17.14
CA HIS A 354 -7.26 1.05 16.32
C HIS A 354 -7.57 1.36 14.86
N LEU A 355 -8.82 1.23 14.42
CA LEU A 355 -9.19 1.78 13.13
C LEU A 355 -9.92 3.11 13.28
N GLY A 356 -10.32 3.48 14.50
CA GLY A 356 -11.10 4.68 14.69
C GLY A 356 -12.51 4.57 14.12
N LEU A 357 -13.21 3.49 14.45
CA LEU A 357 -14.57 3.34 13.97
C LEU A 357 -15.50 4.17 14.84
N HIS A 358 -16.58 4.66 14.24
CA HIS A 358 -17.54 5.48 14.97
C HIS A 358 -18.78 4.65 15.27
N LYS A 359 -18.56 3.61 16.07
CA LYS A 359 -19.60 2.67 16.47
C LYS A 359 -19.56 2.48 17.98
N ASP A 360 -20.25 1.46 18.48
CA ASP A 360 -20.39 1.24 19.91
C ASP A 360 -19.61 0.01 20.38
N PHE A 361 -18.54 -0.36 19.65
CA PHE A 361 -17.82 -1.57 19.99
C PHE A 361 -17.02 -1.43 21.27
N ASP A 362 -16.82 -0.19 21.75
CA ASP A 362 -16.10 -0.01 23.00
C ASP A 362 -16.93 -0.44 24.22
N GLN A 363 -18.19 -0.84 24.04
CA GLN A 363 -18.89 -1.54 25.12
C GLN A 363 -18.24 -2.87 25.44
N TRP A 364 -17.36 -3.36 24.58
CA TRP A 364 -16.63 -4.60 24.85
C TRP A 364 -15.15 -4.35 25.13
N ASP A 365 -14.75 -3.08 25.36
CA ASP A 365 -13.36 -2.74 25.62
C ASP A 365 -12.79 -3.56 26.79
N CYS A 366 -13.63 -3.94 27.74
CA CYS A 366 -13.22 -4.78 28.84
C CYS A 366 -12.79 -6.18 28.39
N LEU A 367 -13.27 -6.63 27.23
CA LEU A 367 -12.86 -7.94 26.74
C LEU A 367 -11.43 -7.93 26.21
N ILE A 368 -10.95 -6.77 25.71
CA ILE A 368 -9.56 -6.65 25.30
C ILE A 368 -8.64 -6.90 26.49
N GLU A 369 -9.11 -6.59 27.69
CA GLU A 369 -8.34 -6.78 28.90
C GLU A 369 -8.55 -8.16 29.52
N GLY A 370 -9.33 -9.02 28.87
CA GLY A 370 -9.59 -10.33 29.42
C GLY A 370 -10.42 -10.28 30.69
N ASP A 371 -11.27 -9.25 30.82
CA ASP A 371 -12.04 -9.05 32.05
C ASP A 371 -13.45 -9.63 31.87
N ASP A 372 -13.53 -10.95 32.00
CA ASP A 372 -14.77 -11.67 31.81
C ASP A 372 -14.59 -13.02 32.47
N GLU A 373 -15.68 -13.62 32.92
CA GLU A 373 -15.57 -14.89 33.62
C GLU A 373 -14.98 -15.99 32.74
N ASN A 374 -15.07 -15.83 31.41
CA ASN A 374 -14.60 -16.82 30.45
C ASN A 374 -13.30 -16.41 29.76
N LEU A 375 -12.64 -15.37 30.24
CA LEU A 375 -11.41 -14.88 29.63
C LEU A 375 -10.30 -14.91 30.67
N ILE A 376 -9.11 -15.17 30.18
CA ILE A 376 -7.89 -15.09 30.96
C ILE A 376 -7.08 -13.94 30.37
N PRO A 377 -6.82 -12.88 31.12
CA PRO A 377 -5.93 -11.82 30.61
C PRO A 377 -4.54 -12.41 30.39
N GLY A 378 -3.93 -12.05 29.26
CA GLY A 378 -2.63 -12.65 28.94
C GLY A 378 -2.77 -14.14 28.63
N THR A 379 -1.92 -14.95 29.25
CA THR A 379 -1.89 -16.37 28.96
C THR A 379 -1.69 -17.16 30.24
N ASN A 380 -2.25 -18.37 30.29
CA ASN A 380 -1.94 -19.26 31.41
C ASN A 380 -0.48 -19.69 31.40
N ILE A 381 0.20 -19.54 30.29
CA ILE A 381 1.62 -19.84 30.18
C ILE A 381 2.50 -18.68 30.62
N LYS B 14 25.16 27.73 -7.58
CA LYS B 14 24.07 28.69 -7.61
C LYS B 14 22.76 28.07 -7.08
N ILE B 15 22.69 26.75 -7.03
CA ILE B 15 21.56 26.09 -6.38
C ILE B 15 21.76 26.16 -4.87
N PRO B 16 20.77 26.61 -4.10
CA PRO B 16 21.00 26.85 -2.67
C PRO B 16 21.25 25.56 -1.91
N ARG B 17 22.17 25.62 -0.95
CA ARG B 17 22.34 24.52 -0.02
C ARG B 17 21.07 24.34 0.80
N GLY B 18 20.88 23.11 1.28
CA GLY B 18 19.77 22.84 2.16
C GLY B 18 19.86 23.66 3.43
N ASN B 19 18.71 24.05 3.94
CA ASN B 19 18.68 24.90 5.12
C ASN B 19 18.58 24.12 6.41
N GLY B 20 18.57 22.79 6.35
CA GLY B 20 18.45 22.00 7.55
C GLY B 20 19.76 21.60 8.18
N PRO B 21 19.67 20.92 9.33
CA PRO B 21 20.89 20.56 10.07
C PRO B 21 21.64 19.34 9.53
N TYR B 22 21.02 18.48 8.72
CA TYR B 22 21.73 17.34 8.18
C TYR B 22 22.54 17.73 6.95
N SER B 23 23.67 17.07 6.74
CA SER B 23 24.39 17.16 5.48
C SER B 23 23.82 16.08 4.55
N VAL B 24 23.94 16.32 3.24
CA VAL B 24 23.12 15.62 2.25
C VAL B 24 24.01 14.85 1.28
N GLY B 25 23.75 13.56 1.15
CA GLY B 25 24.36 12.77 0.12
C GLY B 25 23.49 12.67 -1.11
N CYS B 26 24.09 12.21 -2.20
CA CYS B 26 23.33 11.98 -3.40
C CYS B 26 23.93 10.81 -4.16
N THR B 27 23.06 9.93 -4.66
CA THR B 27 23.49 8.84 -5.53
C THR B 27 22.38 8.54 -6.54
N ASP B 28 22.68 7.65 -7.48
CA ASP B 28 21.76 7.18 -8.51
C ASP B 28 21.54 5.69 -8.36
N LEU B 29 20.33 5.23 -8.65
CA LEU B 29 19.98 3.81 -8.58
C LEU B 29 19.11 3.45 -9.77
N MET B 30 19.57 2.49 -10.58
CA MET B 30 18.77 1.91 -11.64
C MET B 30 18.65 0.41 -11.40
N PHE B 31 17.41 -0.04 -11.18
CA PHE B 31 17.12 -1.47 -11.04
C PHE B 31 15.65 -1.72 -11.35
N ASP B 32 15.38 -2.64 -12.27
CA ASP B 32 16.41 -3.35 -13.05
C ASP B 32 16.94 -2.51 -14.23
N HIS B 33 17.72 -3.13 -15.12
CA HIS B 33 18.42 -2.37 -16.15
C HIS B 33 17.54 -1.99 -17.35
N THR B 34 16.31 -2.51 -17.45
CA THR B 34 15.48 -2.29 -18.62
C THR B 34 14.68 -0.99 -18.49
N ASN B 35 13.91 -0.64 -19.53
CA ASN B 35 13.09 0.56 -19.40
C ASN B 35 11.78 0.30 -18.66
N LYS B 36 11.55 -0.91 -18.17
CA LYS B 36 10.48 -1.17 -17.21
C LYS B 36 10.96 -1.15 -15.77
N GLY B 37 12.27 -1.08 -15.53
CA GLY B 37 12.79 -0.96 -14.19
C GLY B 37 12.59 0.43 -13.62
N THR B 38 13.15 0.62 -12.43
CA THR B 38 13.12 1.89 -11.73
C THR B 38 14.44 2.62 -11.93
N PHE B 39 14.37 3.94 -12.18
CA PHE B 39 15.54 4.80 -12.31
C PHE B 39 15.31 6.03 -11.44
N LEU B 40 16.06 6.18 -10.35
CA LEU B 40 15.87 7.33 -9.49
C LEU B 40 17.20 7.92 -9.05
N ARG B 41 17.14 9.17 -8.62
CA ARG B 41 18.23 9.82 -7.91
C ARG B 41 17.81 9.97 -6.45
N LEU B 42 18.70 9.57 -5.54
CA LEU B 42 18.45 9.55 -4.11
C LEU B 42 19.16 10.72 -3.44
N TYR B 43 18.40 11.53 -2.70
CA TYR B 43 18.98 12.51 -1.77
C TYR B 43 18.68 12.02 -0.37
N TYR B 44 19.60 12.24 0.57
CA TYR B 44 19.51 11.58 1.86
C TYR B 44 20.46 12.27 2.84
N PRO B 45 20.18 12.18 4.15
CA PRO B 45 21.15 12.68 5.13
C PRO B 45 22.38 11.80 5.14
N SER B 46 23.56 12.43 5.11
CA SER B 46 24.83 11.75 4.94
C SER B 46 25.75 12.03 6.13
N GLN B 47 26.84 11.26 6.22
CA GLN B 47 27.77 11.36 7.33
C GLN B 47 28.95 12.26 6.97
N ARG B 51 32.82 17.91 0.84
CA ARG B 51 32.67 17.88 -0.62
C ARG B 51 31.21 18.15 -1.00
N LEU B 52 30.97 18.92 -2.09
CA LEU B 52 29.61 19.21 -2.61
C LEU B 52 29.65 19.10 -4.14
N ASP B 53 29.83 17.86 -4.62
CA ASP B 53 30.43 17.58 -5.92
C ASP B 53 29.51 16.86 -6.91
N THR B 54 28.21 16.81 -6.66
CA THR B 54 27.33 16.09 -7.57
C THR B 54 27.15 16.88 -8.86
N LEU B 55 27.42 16.25 -9.99
CA LEU B 55 27.09 16.83 -11.28
C LEU B 55 25.58 17.06 -11.40
N TRP B 56 25.20 18.27 -11.80
CA TRP B 56 23.79 18.62 -11.89
C TRP B 56 23.09 17.88 -13.03
N ILE B 57 23.60 18.01 -14.24
CA ILE B 57 23.06 17.34 -15.42
C ILE B 57 24.17 16.50 -16.03
N PRO B 58 24.16 15.19 -15.80
CA PRO B 58 25.37 14.37 -15.97
C PRO B 58 25.66 13.83 -17.37
N ASN B 59 24.81 14.01 -18.37
CA ASN B 59 25.11 13.42 -19.67
C ASN B 59 24.72 14.39 -20.78
N LYS B 60 25.52 14.38 -21.86
CA LYS B 60 25.27 15.28 -22.99
C LYS B 60 23.86 15.10 -23.55
N GLU B 61 23.33 13.87 -23.50
CA GLU B 61 22.04 13.60 -24.14
C GLU B 61 20.89 14.31 -23.46
N TYR B 62 21.03 14.65 -22.17
CA TYR B 62 19.97 15.43 -21.52
C TYR B 62 19.92 16.84 -22.09
N PHE B 63 21.05 17.36 -22.55
CA PHE B 63 21.03 18.69 -23.15
C PHE B 63 20.43 18.65 -24.54
N TRP B 64 20.75 17.61 -25.31
CA TRP B 64 20.11 17.41 -26.60
C TRP B 64 18.61 17.33 -26.41
N GLY B 65 18.16 16.50 -25.45
CA GLY B 65 16.74 16.38 -25.20
C GLY B 65 16.11 17.68 -24.74
N LEU B 66 16.80 18.42 -23.86
CA LEU B 66 16.27 19.72 -23.46
C LEU B 66 16.12 20.63 -24.68
N SER B 67 17.05 20.56 -25.63
CA SER B 67 16.96 21.42 -26.80
C SER B 67 15.77 21.03 -27.69
N LYS B 68 15.50 19.73 -27.83
CA LYS B 68 14.31 19.36 -28.60
C LYS B 68 13.02 19.80 -27.90
N PHE B 69 12.96 19.63 -26.57
CA PHE B 69 11.81 20.09 -25.80
C PHE B 69 11.55 21.59 -25.99
N LEU B 70 12.61 22.39 -26.02
CA LEU B 70 12.49 23.83 -26.14
C LEU B 70 12.16 24.30 -27.55
N GLY B 71 12.35 23.45 -28.56
CA GLY B 71 12.05 23.80 -29.93
C GLY B 71 13.20 24.35 -30.75
N THR B 72 14.43 23.92 -30.50
CA THR B 72 15.60 24.33 -31.26
C THR B 72 16.33 23.08 -31.76
N HIS B 73 17.39 23.30 -32.55
CA HIS B 73 18.02 22.18 -33.25
C HIS B 73 19.30 21.71 -32.56
N TRP B 74 20.25 21.19 -33.35
CA TRP B 74 21.47 20.61 -32.78
C TRP B 74 22.33 21.66 -32.08
N LEU B 75 22.26 22.92 -32.54
CA LEU B 75 23.13 23.95 -31.99
C LEU B 75 22.80 24.21 -30.52
N MET B 76 21.55 24.60 -30.24
CA MET B 76 21.17 24.93 -28.87
C MET B 76 21.45 23.78 -27.90
N GLY B 77 21.58 22.55 -28.40
CA GLY B 77 21.96 21.45 -27.53
C GLY B 77 23.37 21.60 -27.01
N ASN B 78 24.34 21.81 -27.90
CA ASN B 78 25.73 21.90 -27.47
C ASN B 78 25.98 23.19 -26.72
N ILE B 79 25.21 24.23 -27.01
CA ILE B 79 25.33 25.49 -26.27
C ILE B 79 24.94 25.29 -24.82
N LEU B 80 23.78 24.67 -24.59
CA LEU B 80 23.36 24.36 -23.23
C LEU B 80 24.39 23.47 -22.53
N ARG B 81 25.00 22.54 -23.28
CA ARG B 81 26.05 21.70 -22.73
C ARG B 81 27.24 22.55 -22.27
N LEU B 82 27.68 23.48 -23.12
CA LEU B 82 28.86 24.30 -22.79
C LEU B 82 28.60 25.18 -21.59
N LEU B 83 27.36 25.61 -21.39
CA LEU B 83 27.07 26.51 -20.28
C LEU B 83 26.97 25.76 -18.96
N PHE B 84 26.27 24.62 -18.94
CA PHE B 84 25.90 24.00 -17.68
C PHE B 84 26.49 22.61 -17.49
N GLY B 85 27.26 22.10 -18.45
CA GLY B 85 27.64 20.70 -18.46
C GLY B 85 28.46 20.26 -17.27
N SER B 86 29.09 21.18 -16.57
CA SER B 86 29.87 20.80 -15.40
C SER B 86 29.39 21.55 -14.15
N MET B 87 28.25 22.23 -14.23
CA MET B 87 27.65 22.82 -13.06
C MET B 87 27.29 21.73 -12.04
N THR B 88 27.62 21.95 -10.78
CA THR B 88 27.32 21.00 -9.73
C THR B 88 26.11 21.44 -8.91
N THR B 89 25.68 20.54 -8.03
CA THR B 89 24.60 20.81 -7.11
C THR B 89 25.03 20.41 -5.70
N PRO B 90 24.72 21.24 -4.70
CA PRO B 90 25.31 21.06 -3.37
C PRO B 90 24.92 19.77 -2.65
N ALA B 91 25.40 18.61 -3.11
CA ALA B 91 25.24 17.35 -2.39
C ALA B 91 26.50 16.52 -2.51
N ASN B 92 26.80 15.76 -1.46
CA ASN B 92 28.00 14.92 -1.41
C ASN B 92 27.73 13.62 -2.19
N TRP B 93 28.34 13.51 -3.38
CA TRP B 93 28.10 12.38 -4.27
C TRP B 93 28.63 11.08 -3.68
N ASN B 94 27.75 10.10 -3.52
CA ASN B 94 28.02 8.79 -2.92
C ASN B 94 28.53 8.88 -1.47
N SER B 95 28.22 9.95 -0.76
CA SER B 95 28.57 9.99 0.65
C SER B 95 27.73 8.97 1.42
N PRO B 96 28.25 8.45 2.54
CA PRO B 96 27.51 7.42 3.27
C PRO B 96 26.24 7.94 3.93
N LEU B 97 25.27 7.04 4.07
CA LEU B 97 24.02 7.37 4.73
C LEU B 97 24.24 7.55 6.24
N ARG B 98 23.77 8.67 6.79
CA ARG B 98 23.85 8.95 8.22
C ARG B 98 23.12 7.86 8.98
N PRO B 99 23.82 7.00 9.70
CA PRO B 99 23.18 5.85 10.34
C PRO B 99 22.45 6.24 11.62
N GLY B 100 21.80 5.26 12.25
CA GLY B 100 21.22 5.40 13.56
C GLY B 100 19.71 5.59 13.60
N GLU B 101 19.11 6.21 12.58
CA GLU B 101 17.71 6.57 12.64
C GLU B 101 16.94 5.97 11.47
N LYS B 102 15.61 6.06 11.56
CA LYS B 102 14.73 5.77 10.44
C LYS B 102 14.26 7.09 9.83
N TYR B 103 14.26 7.16 8.49
CA TYR B 103 13.94 8.45 7.89
C TYR B 103 12.62 8.39 7.14
N PRO B 104 11.81 9.43 7.18
CA PRO B 104 10.62 9.49 6.31
C PRO B 104 11.02 9.58 4.83
N LEU B 105 10.14 9.11 3.94
CA LEU B 105 10.45 8.96 2.52
C LEU B 105 9.49 9.78 1.66
N VAL B 106 10.07 10.62 0.79
CA VAL B 106 9.35 11.32 -0.26
C VAL B 106 9.74 10.73 -1.60
N VAL B 107 8.75 10.39 -2.41
CA VAL B 107 8.94 10.06 -3.81
C VAL B 107 8.60 11.29 -4.64
N PHE B 108 9.49 11.70 -5.55
CA PHE B 108 9.32 12.96 -6.28
C PHE B 108 9.19 12.71 -7.78
N SER B 109 8.21 13.35 -8.40
CA SER B 109 7.91 13.18 -9.82
C SER B 109 8.11 14.49 -10.61
N HIS B 110 8.97 14.44 -11.63
CA HIS B 110 9.36 15.62 -12.39
C HIS B 110 8.31 15.99 -13.44
N GLY B 111 8.41 17.22 -13.97
CA GLY B 111 7.47 17.69 -14.98
C GLY B 111 7.81 17.26 -16.41
N LEU B 112 6.96 17.71 -17.34
CA LEU B 112 7.19 17.42 -18.76
C LEU B 112 8.45 18.10 -19.23
N GLY B 113 9.27 17.37 -19.97
CA GLY B 113 10.53 17.89 -20.46
C GLY B 113 11.62 17.93 -19.42
N ALA B 114 11.36 17.55 -18.18
CA ALA B 114 12.38 17.52 -17.15
C ALA B 114 12.95 16.11 -17.08
N PHE B 115 13.65 15.80 -15.98
CA PHE B 115 14.17 14.46 -15.68
C PHE B 115 14.56 14.47 -14.19
N ARG B 116 15.25 13.43 -13.74
CA ARG B 116 15.36 13.21 -12.29
C ARG B 116 16.23 14.22 -11.55
N THR B 117 17.06 15.00 -12.24
CA THR B 117 18.03 15.86 -11.57
C THR B 117 17.62 17.33 -11.46
N LEU B 118 16.49 17.72 -12.04
CA LEU B 118 16.17 19.14 -12.20
C LEU B 118 15.45 19.75 -11.00
N TYR B 119 15.32 19.02 -9.89
CA TYR B 119 14.62 19.50 -8.70
C TYR B 119 15.46 19.23 -7.46
N SER B 120 16.77 19.44 -7.56
CA SER B 120 17.64 19.18 -6.42
C SER B 120 17.50 20.26 -5.36
N ALA B 121 17.09 21.48 -5.73
CA ALA B 121 16.81 22.50 -4.75
C ALA B 121 15.80 21.99 -3.72
N ILE B 122 14.74 21.34 -4.19
CA ILE B 122 13.75 20.77 -3.30
C ILE B 122 14.25 19.48 -2.67
N GLY B 123 14.90 18.62 -3.45
CA GLY B 123 15.36 17.36 -2.90
C GLY B 123 16.39 17.55 -1.79
N ILE B 124 17.36 18.43 -2.03
CA ILE B 124 18.45 18.64 -1.09
C ILE B 124 17.94 19.31 0.19
N ASP B 125 16.95 20.22 0.07
CA ASP B 125 16.46 20.86 1.28
C ASP B 125 15.64 19.90 2.14
N LEU B 126 14.83 19.03 1.52
CA LEU B 126 14.13 18.02 2.29
C LEU B 126 15.11 17.03 2.94
N ALA B 127 16.17 16.65 2.22
CA ALA B 127 17.15 15.74 2.80
C ALA B 127 17.85 16.35 4.01
N SER B 128 18.14 17.65 3.96
CA SER B 128 18.79 18.32 5.08
C SER B 128 17.86 18.46 6.30
N HIS B 129 16.58 18.20 6.15
CA HIS B 129 15.66 18.16 7.27
C HIS B 129 15.35 16.74 7.70
N GLY B 130 16.01 15.74 7.12
CA GLY B 130 15.91 14.37 7.58
C GLY B 130 15.12 13.44 6.70
N PHE B 131 14.78 13.84 5.48
CA PHE B 131 14.07 12.98 4.56
C PHE B 131 15.05 12.26 3.66
N ILE B 132 14.70 11.04 3.28
CA ILE B 132 15.23 10.43 2.07
C ILE B 132 14.26 10.75 0.93
N VAL B 133 14.81 11.26 -0.16
CA VAL B 133 14.02 11.71 -1.31
C VAL B 133 14.39 10.87 -2.52
N ALA B 134 13.41 10.24 -3.14
CA ALA B 134 13.65 9.43 -4.32
C ALA B 134 13.06 10.17 -5.52
N ALA B 135 13.91 10.86 -6.28
CA ALA B 135 13.47 11.56 -7.49
C ALA B 135 13.49 10.58 -8.66
N VAL B 136 12.31 10.17 -9.12
CA VAL B 136 12.26 9.16 -10.18
C VAL B 136 12.48 9.82 -11.53
N GLU B 137 13.02 9.04 -12.46
CA GLU B 137 13.12 9.43 -13.85
C GLU B 137 12.07 8.63 -14.61
N HIS B 138 11.12 9.32 -15.22
CA HIS B 138 10.03 8.64 -15.86
C HIS B 138 10.42 8.16 -17.24
N ARG B 139 9.85 7.01 -17.63
CA ARG B 139 10.03 6.40 -18.94
C ARG B 139 8.74 6.43 -19.76
N ASP B 140 7.78 7.28 -19.38
CA ASP B 140 6.55 7.49 -20.14
C ASP B 140 6.75 8.34 -21.38
N ARG B 141 8.01 8.67 -21.69
CA ARG B 141 8.37 9.59 -22.77
C ARG B 141 7.90 11.02 -22.50
N SER B 142 7.81 11.39 -21.23
CA SER B 142 7.57 12.79 -20.87
C SER B 142 8.84 13.49 -20.47
N ALA B 143 9.89 12.74 -20.15
CA ALA B 143 11.21 13.32 -19.88
C ALA B 143 11.85 13.80 -21.19
N SER B 144 12.62 14.89 -21.08
CA SER B 144 13.45 15.31 -22.21
C SER B 144 14.27 14.14 -22.70
N ALA B 145 14.88 13.41 -21.77
CA ALA B 145 15.70 12.27 -22.09
C ALA B 145 15.77 11.38 -20.87
N THR B 146 15.88 10.09 -21.13
CA THR B 146 16.26 9.13 -20.10
C THR B 146 16.93 7.99 -20.83
N TYR B 147 17.50 7.05 -20.08
CA TYR B 147 18.14 5.94 -20.74
C TYR B 147 17.86 4.64 -19.99
N TYR B 148 18.14 3.54 -20.68
CA TYR B 148 18.10 2.20 -20.11
C TYR B 148 19.20 1.40 -20.81
N PHE B 149 19.25 0.10 -20.54
CA PHE B 149 20.20 -0.79 -21.19
C PHE B 149 19.44 -1.96 -21.81
N LYS B 150 19.86 -2.37 -23.02
CA LYS B 150 19.18 -3.46 -23.72
C LYS B 150 19.45 -4.82 -23.10
N ASP B 151 20.55 -4.97 -22.37
CA ASP B 151 20.86 -6.24 -21.71
C ASP B 151 21.94 -5.97 -20.67
N GLN B 152 22.33 -7.03 -19.95
CA GLN B 152 23.34 -6.88 -18.93
C GLN B 152 24.72 -6.58 -19.52
N SER B 153 25.01 -7.12 -20.71
CA SER B 153 26.26 -6.79 -21.40
C SER B 153 26.37 -5.29 -21.65
N ALA B 154 25.31 -4.68 -22.19
CA ALA B 154 25.30 -3.24 -22.46
C ALA B 154 25.48 -2.45 -21.17
N ALA B 155 24.86 -2.90 -20.08
CA ALA B 155 25.06 -2.27 -18.78
C ALA B 155 26.49 -2.44 -18.26
N GLU B 156 27.12 -3.59 -18.52
CA GLU B 156 28.46 -3.79 -17.98
C GLU B 156 29.48 -2.86 -18.62
N ILE B 157 29.31 -2.49 -19.89
CA ILE B 157 30.22 -1.58 -20.56
C ILE B 157 29.64 -0.16 -20.66
N GLY B 158 28.47 0.07 -20.05
CA GLY B 158 27.87 1.40 -20.00
C GLY B 158 27.32 1.89 -21.32
N ASP B 159 26.76 0.99 -22.12
CA ASP B 159 26.24 1.32 -23.44
C ASP B 159 24.76 1.65 -23.34
N LYS B 160 24.47 2.95 -23.20
CA LYS B 160 23.13 3.42 -22.92
C LYS B 160 22.26 3.44 -24.18
N SER B 161 20.96 3.21 -23.98
CA SER B 161 19.95 3.40 -25.02
C SER B 161 19.07 4.55 -24.58
N TRP B 162 19.10 5.64 -25.33
CA TRP B 162 18.40 6.85 -24.92
C TRP B 162 17.01 6.87 -25.52
N LEU B 163 16.06 7.39 -24.75
CA LEU B 163 14.67 7.60 -25.17
C LEU B 163 14.34 9.07 -24.97
N TYR B 164 13.93 9.74 -26.04
CA TYR B 164 13.65 11.16 -25.98
C TYR B 164 12.16 11.43 -25.90
N LEU B 165 11.83 12.65 -25.46
CA LEU B 165 10.45 13.09 -25.35
C LEU B 165 9.68 12.87 -26.65
N ARG B 166 8.50 12.25 -26.54
CA ARG B 166 7.57 12.18 -27.66
C ARG B 166 6.76 13.47 -27.72
N THR B 167 6.75 14.10 -28.88
CA THR B 167 5.81 15.18 -29.13
C THR B 167 4.55 14.59 -29.74
N LEU B 168 3.42 15.23 -29.48
CA LEU B 168 2.11 14.66 -29.76
C LEU B 168 1.33 15.57 -30.71
N LYS B 169 0.44 14.96 -31.49
CA LYS B 169 -0.54 15.72 -32.26
C LYS B 169 -1.70 16.12 -31.34
N GLN B 170 -2.35 17.25 -31.67
CA GLN B 170 -3.43 17.74 -30.81
C GLN B 170 -4.53 16.68 -30.64
N GLU B 171 -4.82 15.91 -31.70
CA GLU B 171 -5.82 14.85 -31.62
C GLU B 171 -5.46 13.75 -30.61
N GLU B 172 -4.18 13.63 -30.23
CA GLU B 172 -3.73 12.57 -29.33
C GLU B 172 -3.67 13.00 -27.87
N GLU B 173 -3.65 14.30 -27.57
CA GLU B 173 -3.16 14.75 -26.27
C GLU B 173 -3.95 14.16 -25.12
N THR B 174 -5.28 14.27 -25.16
CA THR B 174 -6.13 13.79 -24.09
C THR B 174 -5.84 12.33 -23.74
N HIS B 175 -5.83 11.47 -24.75
CA HIS B 175 -5.64 10.04 -24.49
C HIS B 175 -4.23 9.76 -23.99
N ILE B 176 -3.23 10.27 -24.71
CA ILE B 176 -1.85 9.92 -24.41
C ILE B 176 -1.41 10.48 -23.05
N ARG B 177 -1.84 11.71 -22.72
CA ARG B 177 -1.38 12.29 -21.45
C ARG B 177 -1.92 11.48 -20.27
N ASN B 178 -3.16 11.02 -20.35
CA ASN B 178 -3.73 10.19 -19.29
C ASN B 178 -3.04 8.85 -19.17
N GLU B 179 -2.73 8.19 -20.30
CA GLU B 179 -1.94 6.97 -20.25
C GLU B 179 -0.56 7.23 -19.66
N GLN B 180 0.04 8.37 -19.99
CA GLN B 180 1.34 8.74 -19.41
C GLN B 180 1.26 8.93 -17.91
N VAL B 181 0.20 9.58 -17.42
CA VAL B 181 0.08 9.82 -15.98
C VAL B 181 -0.23 8.52 -15.23
N ARG B 182 -0.94 7.57 -15.86
CA ARG B 182 -1.08 6.26 -15.26
C ARG B 182 0.26 5.54 -15.23
N GLN B 183 1.03 5.65 -16.31
CA GLN B 183 2.34 5.02 -16.27
C GLN B 183 3.25 5.70 -15.25
N ARG B 184 3.11 7.02 -15.05
CA ARG B 184 3.92 7.71 -14.04
C ARG B 184 3.53 7.29 -12.62
N ALA B 185 2.24 7.15 -12.34
CA ALA B 185 1.85 6.67 -11.02
C ALA B 185 2.37 5.26 -10.81
N LYS B 186 2.35 4.44 -11.87
CA LYS B 186 2.90 3.10 -11.77
C LYS B 186 4.38 3.15 -11.39
N GLU B 187 5.13 4.08 -12.01
CA GLU B 187 6.55 4.20 -11.72
C GLU B 187 6.81 4.77 -10.33
N CYS B 188 5.95 5.66 -9.83
CA CYS B 188 6.13 6.09 -8.44
C CYS B 188 5.92 4.93 -7.47
N SER B 189 4.89 4.11 -7.72
CA SER B 189 4.65 2.91 -6.91
C SER B 189 5.80 1.92 -6.99
N GLN B 190 6.35 1.71 -8.19
CA GLN B 190 7.45 0.78 -8.36
C GLN B 190 8.70 1.26 -7.64
N ALA B 191 8.96 2.57 -7.66
CA ALA B 191 10.05 3.13 -6.88
C ALA B 191 9.87 2.87 -5.38
N LEU B 192 8.65 3.12 -4.88
CA LEU B 192 8.37 2.86 -3.46
C LEU B 192 8.59 1.40 -3.12
N SER B 193 8.04 0.49 -3.95
CA SER B 193 8.17 -0.93 -3.65
C SER B 193 9.63 -1.35 -3.60
N LEU B 194 10.45 -0.85 -4.54
CA LEU B 194 11.87 -1.18 -4.54
C LEU B 194 12.56 -0.66 -3.27
N ILE B 195 12.32 0.62 -2.95
CA ILE B 195 12.93 1.17 -1.75
C ILE B 195 12.45 0.42 -0.51
N LEU B 196 11.16 0.06 -0.47
CA LEU B 196 10.67 -0.69 0.69
C LEU B 196 11.27 -2.09 0.74
N ASP B 197 11.58 -2.70 -0.42
CA ASP B 197 12.20 -4.01 -0.44
C ASP B 197 13.65 -3.93 0.01
N ILE B 198 14.37 -2.89 -0.41
CA ILE B 198 15.74 -2.70 0.03
C ILE B 198 15.77 -2.46 1.53
N ASP B 199 14.75 -1.78 2.05
CA ASP B 199 14.67 -1.58 3.49
C ASP B 199 14.63 -2.91 4.25
N HIS B 200 14.06 -3.94 3.64
CA HIS B 200 13.97 -5.25 4.26
C HIS B 200 15.04 -6.21 3.75
N GLY B 201 16.16 -5.66 3.26
CA GLY B 201 17.32 -6.47 2.92
C GLY B 201 17.29 -7.16 1.57
N LYS B 202 16.33 -6.85 0.71
CA LYS B 202 16.37 -7.43 -0.63
C LYS B 202 17.65 -6.98 -1.35
N PRO B 203 18.39 -7.90 -1.97
CA PRO B 203 19.65 -7.51 -2.60
C PRO B 203 19.41 -6.96 -4.00
N VAL B 204 20.16 -5.93 -4.35
CA VAL B 204 20.01 -5.22 -5.62
C VAL B 204 21.36 -5.11 -6.29
N LYS B 205 21.36 -5.20 -7.61
CA LYS B 205 22.53 -4.82 -8.38
C LYS B 205 22.15 -3.57 -9.15
N ASN B 206 22.61 -2.43 -8.67
CA ASN B 206 22.59 -1.19 -9.43
C ASN B 206 23.14 -1.39 -10.83
N ALA B 207 22.32 -1.12 -11.85
CA ALA B 207 22.81 -1.24 -13.23
C ALA B 207 23.87 -0.19 -13.53
N LEU B 208 23.86 0.93 -12.81
CA LEU B 208 25.01 1.82 -12.77
C LEU B 208 26.00 1.30 -11.73
N ASP B 209 27.28 1.55 -11.97
CA ASP B 209 28.29 0.94 -11.10
C ASP B 209 28.88 2.02 -10.21
N LEU B 210 28.13 2.40 -9.18
CA LEU B 210 28.53 3.53 -8.33
C LEU B 210 29.08 3.02 -7.00
N LYS B 211 29.87 3.88 -6.34
CA LYS B 211 30.51 3.55 -5.06
C LYS B 211 29.59 3.88 -3.88
N PHE B 212 28.39 3.31 -3.92
CA PHE B 212 27.41 3.47 -2.85
C PHE B 212 26.67 2.15 -2.73
N ASP B 213 26.70 1.55 -1.54
CA ASP B 213 26.07 0.25 -1.36
C ASP B 213 24.64 0.46 -0.90
N MET B 214 23.70 -0.08 -1.70
CA MET B 214 22.29 0.03 -1.36
C MET B 214 21.92 -0.74 -0.10
N GLU B 215 22.79 -1.64 0.36
CA GLU B 215 22.56 -2.32 1.63
C GLU B 215 22.56 -1.35 2.82
N GLN B 216 23.19 -0.17 2.67
CA GLN B 216 23.08 0.88 3.67
C GLN B 216 21.64 1.25 3.97
N LEU B 217 20.74 1.05 3.02
CA LEU B 217 19.38 1.48 3.24
C LEU B 217 18.57 0.49 4.07
N LYS B 218 19.16 -0.64 4.45
CA LYS B 218 18.41 -1.64 5.22
C LYS B 218 17.97 -1.08 6.56
N ASP B 219 16.73 -1.35 6.92
CA ASP B 219 16.11 -0.86 8.17
C ASP B 219 16.35 0.63 8.39
N SER B 220 16.32 1.41 7.31
CA SER B 220 16.58 2.85 7.39
C SER B 220 15.40 3.71 6.91
N ILE B 221 14.25 3.10 6.61
CA ILE B 221 13.06 3.82 6.18
C ILE B 221 12.00 3.68 7.26
N ASP B 222 11.28 4.76 7.52
CA ASP B 222 10.09 4.70 8.36
C ASP B 222 8.93 4.41 7.41
N ARG B 223 8.55 3.13 7.35
CA ARG B 223 7.66 2.61 6.31
C ARG B 223 6.23 3.14 6.41
N GLU B 224 5.88 3.87 7.47
CA GLU B 224 4.57 4.49 7.64
C GLU B 224 4.58 5.98 7.30
N LYS B 225 5.74 6.59 7.08
CA LYS B 225 5.85 8.01 6.78
C LYS B 225 6.34 8.19 5.34
N ILE B 226 5.43 7.94 4.39
CA ILE B 226 5.68 8.00 2.96
C ILE B 226 4.82 9.10 2.34
N ALA B 227 5.46 9.98 1.58
CA ALA B 227 4.78 11.04 0.84
C ALA B 227 5.23 11.08 -0.62
N VAL B 228 4.35 11.59 -1.47
CA VAL B 228 4.66 11.78 -2.89
C VAL B 228 4.47 13.26 -3.21
N ILE B 229 5.50 13.84 -3.85
CA ILE B 229 5.56 15.25 -4.21
C ILE B 229 5.89 15.35 -5.69
N GLY B 230 5.29 16.32 -6.38
CA GLY B 230 5.51 16.44 -7.81
C GLY B 230 5.26 17.85 -8.31
N HIS B 231 5.96 18.20 -9.38
CA HIS B 231 5.81 19.50 -10.03
C HIS B 231 5.19 19.33 -11.41
N SER B 232 4.15 20.13 -11.69
CA SER B 232 3.56 20.24 -13.03
C SER B 232 2.91 18.93 -13.45
N PHE B 233 3.41 18.30 -14.52
CA PHE B 233 2.99 16.94 -14.85
C PHE B 233 3.19 16.03 -13.63
N GLY B 234 4.29 16.22 -12.90
CA GLY B 234 4.48 15.56 -11.64
C GLY B 234 3.43 15.90 -10.61
N GLY B 235 2.80 17.07 -10.73
CA GLY B 235 1.73 17.40 -9.82
C GLY B 235 0.50 16.54 -10.05
N ALA B 236 0.17 16.26 -11.33
CA ALA B 236 -0.88 15.31 -11.65
C ALA B 236 -0.52 13.90 -11.20
N THR B 237 0.76 13.55 -11.31
CA THR B 237 1.22 12.24 -10.87
C THR B 237 1.01 12.04 -9.38
N VAL B 238 1.15 13.11 -8.60
CA VAL B 238 0.81 13.02 -7.18
C VAL B 238 -0.62 12.53 -6.99
N ILE B 239 -1.55 13.06 -7.77
CA ILE B 239 -2.96 12.74 -7.57
C ILE B 239 -3.26 11.34 -8.08
N GLN B 240 -2.72 10.98 -9.25
CA GLN B 240 -2.91 9.61 -9.73
C GLN B 240 -2.25 8.60 -8.80
N THR B 241 -1.05 8.91 -8.30
CA THR B 241 -0.36 7.98 -7.40
C THR B 241 -1.10 7.84 -6.07
N LEU B 242 -1.59 8.94 -5.51
CA LEU B 242 -2.34 8.85 -4.26
C LEU B 242 -3.59 8.02 -4.46
N SER B 243 -4.30 8.27 -5.56
CA SER B 243 -5.52 7.52 -5.83
C SER B 243 -5.27 6.03 -5.94
N GLU B 244 -4.12 5.62 -6.45
CA GLU B 244 -3.87 4.22 -6.72
C GLU B 244 -3.09 3.49 -5.63
N ASP B 245 -2.28 4.18 -4.84
CA ASP B 245 -1.35 3.51 -3.93
C ASP B 245 -1.60 4.02 -2.50
N GLN B 246 -2.34 3.24 -1.71
CA GLN B 246 -2.69 3.62 -0.34
C GLN B 246 -1.46 3.69 0.59
N ARG B 247 -0.31 3.15 0.19
CA ARG B 247 0.87 3.25 1.05
C ARG B 247 1.33 4.70 1.22
N PHE B 248 1.08 5.56 0.23
CA PHE B 248 1.42 6.98 0.37
C PHE B 248 0.42 7.65 1.32
N ARG B 249 0.92 8.40 2.28
CA ARG B 249 0.07 8.96 3.33
C ARG B 249 -0.36 10.39 3.05
N CYS B 250 0.38 11.14 2.25
CA CYS B 250 -0.05 12.48 1.88
C CYS B 250 0.69 12.88 0.61
N GLY B 251 0.13 13.87 -0.06
CA GLY B 251 0.69 14.35 -1.31
C GLY B 251 0.83 15.85 -1.31
N ILE B 252 1.89 16.32 -1.93
CA ILE B 252 2.08 17.73 -2.21
C ILE B 252 2.23 17.87 -3.73
N ALA B 253 1.34 18.66 -4.32
CA ALA B 253 1.34 18.93 -5.76
C ALA B 253 1.81 20.37 -5.97
N LEU B 254 3.01 20.53 -6.53
CA LEU B 254 3.57 21.86 -6.81
C LEU B 254 3.18 22.25 -8.23
N ASP B 255 2.35 23.29 -8.34
CA ASP B 255 1.88 23.84 -9.61
C ASP B 255 1.43 22.75 -10.57
N ALA B 256 0.47 21.94 -10.09
CA ALA B 256 0.05 20.76 -10.84
C ALA B 256 -0.64 21.15 -12.13
N TRP B 257 -0.25 20.47 -13.20
CA TRP B 257 -0.93 20.55 -14.49
C TRP B 257 -1.99 19.44 -14.49
N MET B 258 -3.27 19.82 -14.41
CA MET B 258 -4.29 18.84 -14.04
C MET B 258 -4.85 18.09 -15.24
N PHE B 259 -4.66 18.62 -16.45
CA PHE B 259 -5.11 18.03 -17.70
C PHE B 259 -4.99 16.52 -17.80
N PRO B 260 -3.84 15.89 -17.49
CA PRO B 260 -3.74 14.43 -17.73
C PRO B 260 -4.76 13.58 -16.98
N LEU B 261 -5.39 14.10 -15.92
CA LEU B 261 -6.20 13.28 -15.03
C LEU B 261 -7.59 13.04 -15.61
N GLY B 262 -8.07 11.78 -15.53
CA GLY B 262 -9.43 11.50 -15.92
C GLY B 262 -10.44 11.93 -14.87
N ASP B 263 -11.70 12.09 -15.31
CA ASP B 263 -12.75 12.65 -14.44
C ASP B 263 -12.97 11.82 -13.18
N GLU B 264 -12.68 10.52 -13.22
CA GLU B 264 -12.98 9.64 -12.09
C GLU B 264 -12.01 9.82 -10.92
N VAL B 265 -10.86 10.45 -11.11
CA VAL B 265 -9.85 10.42 -10.05
C VAL B 265 -10.15 11.46 -8.96
N TYR B 266 -10.83 12.55 -9.30
CA TYR B 266 -10.91 13.70 -8.39
C TYR B 266 -11.65 13.38 -7.10
N SER B 267 -12.57 12.42 -7.12
CA SER B 267 -13.31 12.04 -5.93
C SER B 267 -12.75 10.79 -5.28
N ARG B 268 -11.50 10.43 -5.58
CA ARG B 268 -10.94 9.16 -5.15
C ARG B 268 -9.53 9.35 -4.64
N ILE B 269 -9.32 10.44 -3.90
CA ILE B 269 -8.06 10.74 -3.24
C ILE B 269 -8.34 10.79 -1.74
N PRO B 270 -8.09 9.69 -1.01
CA PRO B 270 -8.36 9.71 0.44
C PRO B 270 -7.37 10.54 1.26
N GLN B 271 -6.10 10.64 0.83
CA GLN B 271 -5.03 11.17 1.68
C GLN B 271 -5.00 12.69 1.68
N PRO B 272 -4.38 13.29 2.69
CA PRO B 272 -4.17 14.75 2.68
C PRO B 272 -3.38 15.19 1.46
N LEU B 273 -3.82 16.30 0.87
CA LEU B 273 -3.33 16.76 -0.43
C LEU B 273 -3.15 18.27 -0.39
N PHE B 274 -1.93 18.74 -0.65
CA PHE B 274 -1.52 20.14 -0.54
C PHE B 274 -1.16 20.66 -1.93
N PHE B 275 -1.87 21.70 -2.40
CA PHE B 275 -1.58 22.36 -3.68
C PHE B 275 -0.73 23.61 -3.44
N ILE B 276 0.49 23.65 -3.97
CA ILE B 276 1.32 24.84 -3.87
C ILE B 276 1.49 25.40 -5.28
N ASN B 277 0.85 26.53 -5.58
CA ASN B 277 0.80 27.12 -6.91
C ASN B 277 1.75 28.31 -7.06
N SER B 278 2.15 28.56 -8.30
CA SER B 278 2.69 29.85 -8.66
C SER B 278 1.55 30.76 -9.13
N GLU B 279 1.82 32.06 -9.17
CA GLU B 279 0.77 32.95 -9.61
C GLU B 279 0.55 32.86 -11.11
N TYR B 280 1.63 32.86 -11.90
CA TYR B 280 1.48 33.14 -13.31
C TYR B 280 1.22 31.91 -14.17
N PHE B 281 1.37 30.70 -13.62
CA PHE B 281 1.03 29.51 -14.37
C PHE B 281 -0.48 29.26 -14.43
N GLN B 282 -1.21 29.56 -13.35
CA GLN B 282 -2.55 29.03 -13.18
C GLN B 282 -3.59 29.72 -14.08
N TYR B 283 -4.65 28.97 -14.39
CA TYR B 283 -5.77 29.45 -15.20
C TYR B 283 -7.03 28.78 -14.68
N PRO B 284 -8.21 29.35 -14.97
CA PRO B 284 -9.46 28.78 -14.42
C PRO B 284 -9.63 27.28 -14.65
N ALA B 285 -9.48 26.80 -15.89
CA ALA B 285 -9.76 25.40 -16.20
C ALA B 285 -8.92 24.44 -15.35
N ASN B 286 -7.71 24.88 -14.98
CA ASN B 286 -6.85 24.11 -14.09
C ASN B 286 -7.28 24.22 -12.63
N ILE B 287 -7.70 25.43 -12.20
CA ILE B 287 -8.13 25.62 -10.81
C ILE B 287 -9.39 24.84 -10.52
N ILE B 288 -10.32 24.79 -11.49
CA ILE B 288 -11.58 24.06 -11.28
C ILE B 288 -11.30 22.58 -11.04
N LYS B 289 -10.26 22.02 -11.67
CA LYS B 289 -9.95 20.61 -11.46
C LYS B 289 -9.34 20.37 -10.09
N MET B 290 -8.51 21.30 -9.60
CA MET B 290 -8.07 21.21 -8.23
C MET B 290 -9.25 21.28 -7.27
N LYS B 291 -10.24 22.15 -7.56
CA LYS B 291 -11.41 22.24 -6.70
C LYS B 291 -12.30 21.01 -6.78
N LYS B 292 -12.25 20.25 -7.88
CA LYS B 292 -13.00 18.99 -7.94
C LYS B 292 -12.44 17.92 -7.01
N CYS B 293 -11.19 18.09 -6.54
CA CYS B 293 -10.59 17.20 -5.55
C CYS B 293 -11.07 17.48 -4.13
N TYR B 294 -11.73 18.61 -3.88
CA TYR B 294 -12.14 18.96 -2.53
C TYR B 294 -13.39 18.20 -2.11
N SER B 295 -13.45 17.88 -0.82
CA SER B 295 -14.54 17.20 -0.19
C SER B 295 -14.48 17.63 1.26
N PRO B 296 -15.63 17.91 1.91
CA PRO B 296 -15.58 18.40 3.30
C PRO B 296 -15.03 17.37 4.29
N ASP B 297 -15.03 16.10 3.93
CA ASP B 297 -14.48 15.04 4.77
C ASP B 297 -13.04 14.68 4.41
N LYS B 298 -12.32 15.56 3.70
CA LYS B 298 -10.95 15.29 3.29
C LYS B 298 -10.09 16.52 3.52
N GLU B 299 -8.83 16.29 3.81
CA GLU B 299 -7.89 17.38 4.10
C GLU B 299 -7.27 17.88 2.78
N ARG B 300 -7.54 19.15 2.45
CA ARG B 300 -6.99 19.84 1.29
C ARG B 300 -6.52 21.22 1.71
N LYS B 301 -5.30 21.59 1.33
CA LYS B 301 -4.82 22.96 1.47
C LYS B 301 -4.37 23.49 0.11
N MET B 302 -4.38 24.82 -0.02
CA MET B 302 -3.93 25.48 -1.23
C MET B 302 -3.36 26.85 -0.90
N ILE B 303 -2.17 27.13 -1.43
CA ILE B 303 -1.55 28.45 -1.33
C ILE B 303 -0.96 28.78 -2.70
N THR B 304 -0.75 30.08 -2.91
CA THR B 304 -0.18 30.62 -4.12
C THR B 304 0.92 31.56 -3.72
N ILE B 305 2.10 31.39 -4.29
CA ILE B 305 3.24 32.25 -4.02
C ILE B 305 3.12 33.44 -4.96
N ARG B 306 2.96 34.63 -4.37
CA ARG B 306 2.75 35.84 -5.17
C ARG B 306 3.99 36.15 -6.01
N GLY B 307 3.76 36.54 -7.27
CA GLY B 307 4.82 36.90 -8.19
C GLY B 307 5.57 35.75 -8.83
N SER B 308 5.27 34.50 -8.47
CA SER B 308 6.06 33.37 -8.92
C SER B 308 5.58 32.91 -10.30
N VAL B 309 6.46 32.22 -11.01
CA VAL B 309 6.18 31.64 -12.32
C VAL B 309 6.36 30.11 -12.22
N HIS B 310 5.91 29.42 -13.28
CA HIS B 310 5.98 27.97 -13.30
C HIS B 310 7.36 27.46 -12.89
N GLN B 311 8.42 28.07 -13.43
CA GLN B 311 9.79 27.60 -13.30
C GLN B 311 10.41 27.86 -11.93
N ASN B 312 9.73 28.56 -11.03
CA ASN B 312 10.30 28.80 -9.70
C ASN B 312 10.50 27.50 -8.91
N PHE B 313 9.84 26.40 -9.31
CA PHE B 313 9.94 25.14 -8.59
C PHE B 313 11.07 24.24 -9.07
N ALA B 314 11.61 24.47 -10.27
CA ALA B 314 12.71 23.69 -10.83
C ALA B 314 14.02 24.45 -10.74
N ASP B 315 15.12 23.71 -10.93
CA ASP B 315 16.44 24.25 -10.64
C ASP B 315 16.90 25.32 -11.64
N PHE B 316 16.30 25.40 -12.83
CA PHE B 316 16.78 26.37 -13.79
C PHE B 316 16.48 27.82 -13.40
N THR B 317 15.64 28.04 -12.39
CA THR B 317 15.44 29.35 -11.78
C THR B 317 16.68 29.84 -11.02
N PHE B 318 17.67 28.98 -10.79
CA PHE B 318 18.93 29.37 -10.16
C PHE B 318 20.12 29.35 -11.11
N ALA B 319 19.90 29.07 -12.39
CA ALA B 319 20.99 28.80 -13.31
C ALA B 319 21.46 30.01 -14.12
N THR B 320 20.71 31.10 -14.15
CA THR B 320 21.06 32.32 -14.90
C THR B 320 21.00 33.56 -14.00
N GLY B 321 21.36 34.71 -14.57
CA GLY B 321 21.27 35.98 -13.86
C GLY B 321 19.83 36.46 -13.75
N LYS B 322 19.65 37.50 -12.95
CA LYS B 322 18.30 38.02 -12.69
C LYS B 322 17.62 38.49 -13.97
N ILE B 323 18.33 39.27 -14.79
CA ILE B 323 17.68 39.91 -15.92
C ILE B 323 17.37 38.89 -17.03
N ILE B 324 18.30 37.99 -17.32
CA ILE B 324 18.00 37.05 -18.40
C ILE B 324 17.08 35.92 -17.90
N GLY B 325 17.19 35.53 -16.63
CA GLY B 325 16.23 34.59 -16.09
C GLY B 325 14.83 35.15 -16.16
N HIS B 326 14.69 36.43 -15.84
CA HIS B 326 13.42 37.11 -16.03
C HIS B 326 12.98 37.08 -17.49
N MET B 327 13.93 37.13 -18.42
CA MET B 327 13.56 37.20 -19.82
C MET B 327 13.11 35.84 -20.34
N LEU B 328 13.80 34.77 -19.99
CA LEU B 328 13.47 33.42 -20.43
C LEU B 328 12.28 32.82 -19.69
N LYS B 329 11.62 33.58 -18.82
CA LYS B 329 10.54 33.11 -17.97
C LYS B 329 11.01 32.08 -16.95
N LEU B 330 12.31 32.07 -16.64
CA LEU B 330 12.86 31.25 -15.57
C LEU B 330 12.69 31.88 -14.19
N LYS B 331 12.55 33.20 -14.12
CA LYS B 331 12.40 33.91 -12.87
C LYS B 331 11.13 34.74 -12.92
N GLY B 332 10.50 34.91 -11.75
CA GLY B 332 9.36 35.79 -11.62
C GLY B 332 9.72 37.08 -10.93
N ASP B 333 8.70 37.74 -10.36
CA ASP B 333 8.93 38.94 -9.57
C ASP B 333 9.60 38.60 -8.25
N ILE B 334 9.07 37.62 -7.55
CA ILE B 334 9.65 37.22 -6.27
C ILE B 334 11.06 36.67 -6.48
N ASP B 335 11.89 36.82 -5.46
CA ASP B 335 13.26 36.30 -5.50
C ASP B 335 13.24 34.78 -5.49
N SER B 336 14.05 34.16 -6.35
CA SER B 336 13.99 32.71 -6.53
C SER B 336 14.31 31.94 -5.25
N ASN B 337 15.17 32.48 -4.39
CA ASN B 337 15.42 31.82 -3.12
C ASN B 337 14.30 32.06 -2.12
N VAL B 338 13.62 33.20 -2.20
CA VAL B 338 12.47 33.44 -1.34
C VAL B 338 11.31 32.52 -1.72
N ALA B 339 11.13 32.26 -3.02
CA ALA B 339 10.04 31.40 -3.46
C ALA B 339 10.26 29.95 -3.03
N ILE B 340 11.46 29.41 -3.26
CA ILE B 340 11.68 28.01 -2.93
C ILE B 340 11.70 27.81 -1.42
N ASP B 341 12.12 28.83 -0.66
CA ASP B 341 12.08 28.74 0.79
C ASP B 341 10.65 28.71 1.30
N LEU B 342 9.78 29.58 0.78
CA LEU B 342 8.38 29.56 1.19
C LEU B 342 7.76 28.21 0.87
N SER B 343 7.98 27.73 -0.35
CA SER B 343 7.40 26.46 -0.78
C SER B 343 7.94 25.31 0.06
N ASN B 344 9.25 25.30 0.36
CA ASN B 344 9.85 24.20 1.12
C ASN B 344 9.36 24.20 2.57
N LYS B 345 9.28 25.38 3.19
CA LYS B 345 8.82 25.46 4.57
C LYS B 345 7.36 25.08 4.67
N ALA B 346 6.54 25.50 3.72
CA ALA B 346 5.14 25.09 3.71
C ALA B 346 5.01 23.57 3.51
N SER B 347 5.88 23.00 2.68
CA SER B 347 5.85 21.55 2.48
C SER B 347 6.23 20.81 3.76
N LEU B 348 7.31 21.26 4.39
CA LEU B 348 7.78 20.63 5.63
C LEU B 348 6.71 20.65 6.72
N ALA B 349 6.01 21.77 6.86
CA ALA B 349 4.96 21.84 7.88
C ALA B 349 3.81 20.91 7.55
N PHE B 350 3.48 20.81 6.26
CA PHE B 350 2.40 19.93 5.84
C PHE B 350 2.78 18.48 6.03
N LEU B 351 4.01 18.12 5.67
CA LEU B 351 4.48 16.76 5.88
C LEU B 351 4.46 16.39 7.36
N GLN B 352 4.88 17.32 8.23
CA GLN B 352 4.87 17.02 9.66
C GLN B 352 3.45 16.77 10.18
N LYS B 353 2.48 17.59 9.73
CA LYS B 353 1.12 17.45 10.24
C LYS B 353 0.48 16.13 9.81
N HIS B 354 0.83 15.62 8.64
CA HIS B 354 0.14 14.46 8.10
C HIS B 354 0.99 13.22 7.98
N LEU B 355 2.29 13.30 8.23
CA LEU B 355 3.10 12.11 8.44
C LEU B 355 3.37 11.83 9.90
N GLY B 356 3.04 12.78 10.78
CA GLY B 356 3.24 12.58 12.21
C GLY B 356 4.67 12.74 12.66
N LEU B 357 5.41 13.66 12.04
CA LEU B 357 6.82 13.83 12.35
C LEU B 357 7.03 14.51 13.70
N HIS B 358 8.05 14.07 14.42
CA HIS B 358 8.45 14.67 15.69
C HIS B 358 9.63 15.61 15.48
N LYS B 359 9.34 16.62 14.69
CA LYS B 359 10.26 17.68 14.32
C LYS B 359 9.63 19.01 14.72
N ASP B 360 10.27 20.11 14.37
CA ASP B 360 9.78 21.43 14.76
C ASP B 360 9.34 22.26 13.55
N PHE B 361 8.86 21.58 12.50
CA PHE B 361 8.42 22.23 11.26
C PHE B 361 7.07 22.92 11.41
N ASP B 362 6.36 22.69 12.52
CA ASP B 362 5.09 23.38 12.71
C ASP B 362 5.28 24.87 13.02
N GLN B 363 6.53 25.34 13.21
CA GLN B 363 6.74 26.77 13.26
C GLN B 363 6.33 27.47 11.96
N TRP B 364 6.12 26.70 10.88
CA TRP B 364 5.74 27.24 9.59
C TRP B 364 4.30 26.91 9.25
N ASP B 365 3.49 26.56 10.25
CA ASP B 365 2.10 26.24 10.01
C ASP B 365 1.34 27.44 9.46
N CYS B 366 1.82 28.66 9.72
CA CYS B 366 1.18 29.84 9.13
C CYS B 366 1.24 29.81 7.60
N LEU B 367 2.24 29.13 7.04
CA LEU B 367 2.42 29.12 5.60
C LEU B 367 1.41 28.20 4.91
N ILE B 368 1.02 27.09 5.53
CA ILE B 368 -0.02 26.23 4.96
C ILE B 368 -1.31 27.01 4.74
N GLU B 369 -1.51 28.08 5.51
CA GLU B 369 -2.71 28.89 5.44
C GLU B 369 -2.51 30.19 4.65
N GLY B 370 -1.32 30.42 4.10
CA GLY B 370 -1.09 31.59 3.28
C GLY B 370 -0.77 32.86 4.03
N ASP B 371 -0.39 32.77 5.31
CA ASP B 371 -0.17 33.93 6.17
C ASP B 371 1.28 34.41 6.07
N ASP B 372 1.61 34.97 4.90
CA ASP B 372 2.91 35.60 4.63
C ASP B 372 2.68 36.71 3.62
N GLU B 373 3.55 37.71 3.65
CA GLU B 373 3.48 38.79 2.67
C GLU B 373 3.52 38.26 1.25
N ASN B 374 4.26 37.18 1.01
CA ASN B 374 4.47 36.68 -0.34
C ASN B 374 3.56 35.49 -0.69
N LEU B 375 2.46 35.32 0.05
CA LEU B 375 1.56 34.19 -0.19
C LEU B 375 0.11 34.65 -0.21
N ILE B 376 -0.69 33.99 -1.04
CA ILE B 376 -2.14 34.12 -1.01
C ILE B 376 -2.68 32.81 -0.43
N PRO B 377 -3.67 32.84 0.47
CA PRO B 377 -4.42 31.62 0.76
C PRO B 377 -5.23 31.24 -0.46
N GLY B 378 -5.32 29.94 -0.73
CA GLY B 378 -6.04 29.50 -1.92
C GLY B 378 -5.41 30.04 -3.21
N THR B 379 -6.25 30.67 -4.04
CA THR B 379 -5.82 31.24 -5.31
C THR B 379 -6.55 32.55 -5.53
N ASN B 380 -5.97 33.42 -6.38
CA ASN B 380 -6.70 34.62 -6.78
C ASN B 380 -7.72 34.36 -7.89
N ILE B 381 -7.63 33.21 -8.56
CA ILE B 381 -8.62 32.82 -9.57
C ILE B 381 -9.91 32.37 -8.89
N ASN B 382 -11.04 32.83 -9.42
CA ASN B 382 -12.36 32.44 -8.94
C ASN B 382 -13.00 31.44 -9.92
N THR B 383 -13.70 30.45 -9.37
CA THR B 383 -14.48 29.55 -10.21
C THR B 383 -15.87 29.40 -9.61
N THR B 384 -16.72 28.69 -10.33
CA THR B 384 -18.03 28.35 -9.77
C THR B 384 -17.89 27.22 -8.75
#